data_1A7A
#
_entry.id   1A7A
#
_cell.length_a   91.930
_cell.length_b   168.020
_cell.length_c   137.770
_cell.angle_alpha   90.00
_cell.angle_beta   90.00
_cell.angle_gamma   90.00
#
_symmetry.space_group_name_H-M   'C 2 2 2'
#
loop_
_entity.id
_entity.type
_entity.pdbx_description
1 polymer 'S-ADENOSYLHOMOCYSTEINE HYDROLASE'
2 non-polymer NICOTINAMIDE-ADENINE-DINUCLEOTIDE
3 non-polymer "(1'R,2'S)-9-(2-HYDROXY-3'-KETO-CYCLOPENTEN-1-YL)ADENINE"
4 water water
#
_entity_poly.entity_id   1
_entity_poly.type   'polypeptide(L)'
_entity_poly.pdbx_seq_one_letter_code
;(MSE)SDKLPYKVADIGLAAWGRKALDIAENE(MSE)PGL(MSE)R(MSE)RERYSASKPLKGARIAGCLH(MSE)TVET
AVLIETLVTLGAEVQWSSCNIFSTQNHAAAAIAKAGIPVYAWKGETDEEYLWCIEQTLYFKDGPLN(MSE)ILDDGGDLT
NLIHTKYPQLLPGIRGISEETTTGVHNLYK(MSE)(MSE)ANGILKVPAINVNDSVTKSKFDNLYGCRESLIDGIKRATD
V(MSE)IAGKVAVVAGYGDVGKGCAQALRGFGARVIITEIDPINALQAA(MSE)EGYEVTT(MSE)DEACQEGNIFVTTT
GCIDIILGRHFEQ(MSE)KDDAIVCNIGHFDVEIDVKWLNENAVEKVNIKPQVDRYRLKNGRRIILLAEGRLVNLGCA
(MSE)GHPSFV(MSE)SNSFTNQV(MSE)AQIELWTHPDKYPVGVHFLPKKLDEAVAEAHLGKLNVKLTKLTEKQAQYLG
(MSE)SCDGPFKPDHYRY
;
_entity_poly.pdbx_strand_id   A,B
#
loop_
_chem_comp.id
_chem_comp.type
_chem_comp.name
_chem_comp.formula
ADC non-polymer (1'R,2'S)-9-(2-HYDROXY-3'-KETO-CYCLOPENTEN-1-YL)ADENINE 'C10 H11 N5 O2'
NAD non-polymer NICOTINAMIDE-ADENINE-DINUCLEOTIDE 'C21 H27 N7 O14 P2'
#
# COMPACT_ATOMS: atom_id res chain seq x y z
N SER A 2 -4.04 0.04 -52.88
CA SER A 2 -3.47 0.00 -51.49
C SER A 2 -1.94 0.14 -51.47
N ASP A 3 -1.45 0.99 -50.57
CA ASP A 3 -0.01 1.22 -50.43
C ASP A 3 0.37 0.75 -49.04
N LYS A 4 -0.53 1.03 -48.10
CA LYS A 4 -0.34 0.72 -46.69
C LYS A 4 0.52 -0.51 -46.44
N LEU A 5 1.70 -0.27 -45.85
CA LEU A 5 2.63 -1.33 -45.53
C LEU A 5 1.94 -2.28 -44.55
N PRO A 6 2.14 -3.60 -44.72
CA PRO A 6 1.53 -4.59 -43.84
C PRO A 6 2.10 -4.52 -42.43
N TYR A 7 3.09 -3.64 -42.27
CA TYR A 7 3.79 -3.44 -40.99
C TYR A 7 5.10 -2.72 -41.30
N LYS A 8 5.89 -2.45 -40.27
CA LYS A 8 7.18 -1.79 -40.43
C LYS A 8 8.05 -2.00 -39.19
N VAL A 9 9.11 -2.77 -39.32
CA VAL A 9 10.00 -3.03 -38.19
C VAL A 9 11.46 -2.84 -38.61
N ALA A 10 12.36 -2.81 -37.63
CA ALA A 10 13.78 -2.64 -37.90
C ALA A 10 14.34 -3.73 -38.81
N ASP A 11 14.07 -5.00 -38.49
CA ASP A 11 14.58 -6.12 -39.29
C ASP A 11 13.79 -7.42 -39.09
N ILE A 12 12.93 -7.74 -40.05
CA ILE A 12 12.11 -8.95 -39.98
C ILE A 12 12.96 -10.18 -39.72
N GLY A 13 14.25 -10.10 -40.07
CA GLY A 13 15.15 -11.23 -39.87
C GLY A 13 15.25 -11.73 -38.43
N LEU A 14 15.03 -10.83 -37.48
CA LEU A 14 15.09 -11.17 -36.07
C LEU A 14 13.92 -12.06 -35.64
N ALA A 15 12.97 -12.28 -36.54
CA ALA A 15 11.81 -13.13 -36.24
C ALA A 15 12.17 -14.39 -35.48
N ALA A 16 13.16 -15.12 -35.99
CA ALA A 16 13.58 -16.36 -35.35
C ALA A 16 13.84 -16.14 -33.86
N TRP A 17 14.83 -15.30 -33.56
CA TRP A 17 15.20 -14.98 -32.19
C TRP A 17 14.02 -14.40 -31.42
N GLY A 18 13.11 -13.77 -32.16
CA GLY A 18 11.92 -13.21 -31.56
C GLY A 18 11.19 -14.35 -30.89
N ARG A 19 10.82 -15.39 -31.65
CA ARG A 19 10.14 -16.53 -31.05
C ARG A 19 10.89 -17.07 -29.83
N LYS A 20 12.19 -17.27 -29.97
CA LYS A 20 13.01 -17.77 -28.88
C LYS A 20 12.56 -17.07 -27.61
N ALA A 21 12.67 -15.74 -27.60
CA ALA A 21 12.31 -14.92 -26.45
C ALA A 21 10.84 -15.06 -26.04
N LEU A 22 9.91 -14.89 -26.99
CA LEU A 22 8.50 -15.03 -26.65
C LEU A 22 8.31 -16.40 -25.99
N ASP A 23 8.78 -17.44 -26.67
CA ASP A 23 8.69 -18.82 -26.19
C ASP A 23 9.04 -18.95 -24.72
N ILE A 24 10.12 -18.29 -24.32
CA ILE A 24 10.53 -18.35 -22.93
C ILE A 24 9.67 -17.45 -22.04
N ALA A 25 9.32 -16.27 -22.55
CA ALA A 25 8.50 -15.35 -21.78
C ALA A 25 7.13 -15.93 -21.47
N GLU A 26 6.62 -16.76 -22.38
CA GLU A 26 5.30 -17.34 -22.17
C GLU A 26 5.31 -18.24 -20.96
N ASN A 27 6.44 -18.91 -20.71
CA ASN A 27 6.53 -19.82 -19.58
C ASN A 27 6.71 -19.06 -18.25
N GLU A 28 6.79 -17.75 -18.34
CA GLU A 28 6.94 -16.89 -17.17
C GLU A 28 5.65 -16.11 -16.96
N MSE A 29 4.71 -16.23 -17.89
CA MSE A 29 3.45 -15.50 -17.81
C MSE A 29 2.23 -16.41 -17.71
O MSE A 29 1.37 -16.42 -18.59
CB MSE A 29 3.34 -14.60 -19.03
CG MSE A 29 4.55 -13.68 -19.19
SE MSE A 29 4.52 -12.71 -20.79
CE MSE A 29 6.10 -11.87 -20.47
N PRO A 30 2.14 -17.16 -16.61
CA PRO A 30 1.02 -18.09 -16.37
C PRO A 30 -0.32 -17.40 -16.49
N GLY A 31 -0.32 -16.08 -16.28
CA GLY A 31 -1.55 -15.32 -16.37
C GLY A 31 -2.11 -15.34 -17.77
N LEU A 32 -1.44 -14.64 -18.70
CA LEU A 32 -1.88 -14.58 -20.09
C LEU A 32 -2.12 -15.98 -20.62
N MSE A 33 -1.21 -16.89 -20.28
CA MSE A 33 -1.36 -18.26 -20.77
C MSE A 33 -2.61 -18.91 -20.19
O MSE A 33 -3.20 -19.77 -20.84
CB MSE A 33 -0.09 -19.06 -20.44
CG MSE A 33 0.61 -19.56 -21.70
SE MSE A 33 1.03 -18.15 -22.84
CE MSE A 33 1.78 -19.11 -24.19
N ARG A 34 -3.02 -18.50 -18.99
CA ARG A 34 -4.23 -19.05 -18.39
C ARG A 34 -5.43 -18.51 -19.15
N MSE A 35 -5.36 -17.23 -19.52
CA MSE A 35 -6.43 -16.57 -20.25
C MSE A 35 -6.62 -17.26 -21.61
O MSE A 35 -7.74 -17.51 -22.02
CB MSE A 35 -6.07 -15.09 -20.44
CG MSE A 35 -7.23 -14.13 -20.26
SE MSE A 35 -7.83 -14.15 -18.49
CE MSE A 35 -9.17 -12.93 -18.72
N ARG A 36 -5.52 -17.59 -22.27
CA ARG A 36 -5.58 -18.25 -23.57
C ARG A 36 -6.28 -19.61 -23.55
N GLU A 37 -5.91 -20.48 -22.63
CA GLU A 37 -6.52 -21.80 -22.57
C GLU A 37 -7.94 -21.79 -22.03
N ARG A 38 -8.43 -20.61 -21.64
CA ARG A 38 -9.78 -20.49 -21.12
C ARG A 38 -10.69 -19.80 -22.12
N TYR A 39 -10.12 -19.03 -23.05
CA TYR A 39 -10.95 -18.32 -24.02
C TYR A 39 -10.62 -18.59 -25.46
N SER A 40 -9.58 -19.37 -25.72
CA SER A 40 -9.20 -19.67 -27.09
C SER A 40 -10.38 -20.24 -27.88
N ALA A 41 -11.20 -21.03 -27.21
CA ALA A 41 -12.36 -21.62 -27.87
C ALA A 41 -13.47 -20.61 -28.08
N SER A 42 -14.01 -20.10 -26.97
CA SER A 42 -15.11 -19.13 -27.03
C SER A 42 -14.85 -17.90 -27.89
N LYS A 43 -13.59 -17.53 -28.07
CA LYS A 43 -13.21 -16.36 -28.89
C LYS A 43 -14.02 -15.13 -28.48
N PRO A 44 -14.05 -14.81 -27.18
CA PRO A 44 -14.79 -13.66 -26.64
C PRO A 44 -14.51 -12.31 -27.28
N LEU A 45 -13.32 -12.14 -27.85
CA LEU A 45 -12.96 -10.87 -28.50
C LEU A 45 -13.24 -10.86 -29.99
N LYS A 46 -14.01 -11.84 -30.44
CA LYS A 46 -14.36 -11.92 -31.85
C LYS A 46 -15.02 -10.62 -32.30
N GLY A 47 -14.57 -10.08 -33.44
CA GLY A 47 -15.16 -8.86 -33.95
C GLY A 47 -14.49 -7.59 -33.47
N ALA A 48 -13.71 -7.71 -32.41
CA ALA A 48 -13.02 -6.54 -31.88
C ALA A 48 -11.83 -6.16 -32.78
N ARG A 49 -11.66 -4.86 -33.00
CA ARG A 49 -10.55 -4.35 -33.79
C ARG A 49 -9.76 -3.47 -32.85
N ILE A 50 -8.80 -4.09 -32.16
CA ILE A 50 -7.96 -3.44 -31.17
C ILE A 50 -6.76 -2.66 -31.70
N ALA A 51 -6.70 -1.38 -31.34
CA ALA A 51 -5.57 -0.53 -31.73
C ALA A 51 -4.73 -0.39 -30.47
N GLY A 52 -3.57 -1.04 -30.47
CA GLY A 52 -2.70 -0.99 -29.31
C GLY A 52 -1.57 0.00 -29.46
N CYS A 53 -1.28 0.69 -28.37
CA CYS A 53 -0.19 1.65 -28.35
C CYS A 53 0.54 1.48 -27.03
N LEU A 54 1.32 0.40 -26.95
CA LEU A 54 2.06 0.07 -25.75
C LEU A 54 3.42 -0.52 -26.12
N HIS A 55 4.46 -0.08 -25.41
CA HIS A 55 5.82 -0.56 -25.63
C HIS A 55 5.87 -1.91 -26.34
N MSE A 56 6.43 -1.95 -27.55
CA MSE A 56 6.51 -3.22 -28.28
C MSE A 56 7.65 -4.10 -27.76
O MSE A 56 8.75 -4.13 -28.34
CB MSE A 56 6.70 -2.96 -29.79
CG MSE A 56 6.68 -4.27 -30.56
SE MSE A 56 4.98 -5.04 -30.47
CE MSE A 56 5.36 -6.55 -31.43
N THR A 57 7.40 -4.82 -26.68
CA THR A 57 8.43 -5.68 -26.09
C THR A 57 8.02 -7.14 -26.12
N VAL A 58 8.98 -8.02 -25.82
CA VAL A 58 8.71 -9.45 -25.80
C VAL A 58 7.40 -9.70 -25.06
N GLU A 59 7.31 -9.22 -23.81
CA GLU A 59 6.09 -9.42 -23.04
C GLU A 59 4.87 -8.99 -23.85
N THR A 60 4.88 -7.76 -24.35
CA THR A 60 3.77 -7.21 -25.12
C THR A 60 3.37 -8.17 -26.25
N ALA A 61 4.37 -8.80 -26.87
CA ALA A 61 4.12 -9.75 -27.95
C ALA A 61 3.25 -10.89 -27.46
N VAL A 62 3.54 -11.41 -26.27
CA VAL A 62 2.74 -12.51 -25.74
C VAL A 62 1.30 -12.03 -25.55
N LEU A 63 1.14 -10.78 -25.15
CA LEU A 63 -0.18 -10.19 -24.95
C LEU A 63 -0.87 -10.11 -26.30
N ILE A 64 -0.17 -9.50 -27.26
CA ILE A 64 -0.71 -9.35 -28.59
C ILE A 64 -1.25 -10.67 -29.15
N GLU A 65 -0.47 -11.73 -29.05
CA GLU A 65 -0.95 -13.02 -29.55
C GLU A 65 -2.10 -13.54 -28.71
N THR A 66 -2.13 -13.20 -27.44
CA THR A 66 -3.21 -13.67 -26.59
C THR A 66 -4.51 -13.04 -27.07
N LEU A 67 -4.46 -11.75 -27.35
CA LEU A 67 -5.66 -11.06 -27.83
C LEU A 67 -6.13 -11.77 -29.09
N VAL A 68 -5.19 -12.10 -29.95
CA VAL A 68 -5.49 -12.79 -31.21
C VAL A 68 -6.12 -14.16 -30.96
N THR A 69 -5.53 -14.95 -30.07
CA THR A 69 -6.06 -16.26 -29.77
C THR A 69 -7.51 -16.14 -29.30
N LEU A 70 -7.85 -15.00 -28.72
CA LEU A 70 -9.21 -14.77 -28.27
C LEU A 70 -10.08 -14.27 -29.43
N GLY A 71 -9.45 -14.10 -30.58
CA GLY A 71 -10.16 -13.68 -31.78
C GLY A 71 -10.40 -12.20 -32.06
N ALA A 72 -9.43 -11.35 -31.76
CA ALA A 72 -9.59 -9.92 -32.00
C ALA A 72 -8.58 -9.50 -33.03
N GLU A 73 -9.01 -8.74 -34.04
CA GLU A 73 -8.06 -8.27 -35.05
C GLU A 73 -7.21 -7.28 -34.24
N VAL A 74 -5.92 -7.19 -34.53
CA VAL A 74 -5.07 -6.28 -33.78
C VAL A 74 -4.02 -5.59 -34.64
N GLN A 75 -3.81 -4.30 -34.36
CA GLN A 75 -2.80 -3.51 -35.06
C GLN A 75 -2.08 -2.79 -33.95
N TRP A 76 -0.75 -2.76 -34.02
CA TRP A 76 0.04 -2.23 -32.92
C TRP A 76 1.19 -1.27 -33.22
N SER A 77 1.52 -0.48 -32.21
CA SER A 77 2.62 0.49 -32.26
C SER A 77 3.08 0.68 -30.82
N SER A 78 4.31 1.13 -30.63
CA SER A 78 4.83 1.34 -29.28
C SER A 78 4.38 2.69 -28.75
N CYS A 79 4.39 2.84 -27.43
CA CYS A 79 3.98 4.10 -26.81
C CYS A 79 5.21 4.94 -26.48
N ASN A 80 6.36 4.53 -27.04
CA ASN A 80 7.62 5.24 -26.83
C ASN A 80 8.61 4.86 -27.93
N ILE A 81 9.35 5.86 -28.40
CA ILE A 81 10.30 5.67 -29.50
C ILE A 81 11.52 4.81 -29.23
N PHE A 82 11.87 4.60 -27.95
CA PHE A 82 13.05 3.80 -27.60
C PHE A 82 12.75 2.44 -26.98
N SER A 83 11.53 2.27 -26.46
CA SER A 83 11.16 1.04 -25.78
C SER A 83 10.91 -0.21 -26.62
N THR A 84 10.83 -0.05 -27.94
CA THR A 84 10.59 -1.22 -28.77
C THR A 84 11.76 -2.19 -28.74
N GLN A 85 11.45 -3.48 -28.74
CA GLN A 85 12.45 -4.54 -28.77
C GLN A 85 12.25 -5.11 -30.17
N ASN A 86 13.22 -4.90 -31.04
CA ASN A 86 13.09 -5.32 -32.42
C ASN A 86 12.76 -6.78 -32.72
N HIS A 87 13.49 -7.72 -32.13
CA HIS A 87 13.21 -9.13 -32.40
C HIS A 87 11.78 -9.48 -32.01
N ALA A 88 11.28 -8.86 -30.96
CA ALA A 88 9.90 -9.11 -30.54
C ALA A 88 8.99 -8.42 -31.57
N ALA A 89 9.42 -7.26 -32.04
CA ALA A 89 8.64 -6.53 -33.02
C ALA A 89 8.53 -7.39 -34.26
N ALA A 90 9.67 -7.90 -34.74
CA ALA A 90 9.69 -8.76 -35.91
C ALA A 90 8.85 -10.03 -35.76
N ALA A 91 9.06 -10.76 -34.67
CA ALA A 91 8.29 -11.98 -34.47
C ALA A 91 6.82 -11.71 -34.77
N ILE A 92 6.29 -10.64 -34.19
CA ILE A 92 4.88 -10.28 -34.41
C ILE A 92 4.55 -9.92 -35.85
N ALA A 93 5.45 -9.18 -36.51
CA ALA A 93 5.24 -8.81 -37.91
C ALA A 93 5.15 -10.10 -38.71
N LYS A 94 6.14 -10.98 -38.53
CA LYS A 94 6.14 -12.24 -39.24
C LYS A 94 4.87 -13.04 -38.97
N ALA A 95 4.24 -12.81 -37.82
CA ALA A 95 3.01 -13.53 -37.47
C ALA A 95 1.80 -13.01 -38.26
N GLY A 96 2.03 -12.00 -39.11
CA GLY A 96 0.96 -11.46 -39.92
C GLY A 96 0.10 -10.45 -39.18
N ILE A 97 0.68 -9.86 -38.15
CA ILE A 97 -0.01 -8.86 -37.34
C ILE A 97 0.67 -7.54 -37.62
N PRO A 98 -0.10 -6.52 -38.05
CA PRO A 98 0.45 -5.19 -38.34
C PRO A 98 1.13 -4.51 -37.15
N VAL A 99 2.45 -4.41 -37.21
CA VAL A 99 3.21 -3.77 -36.15
C VAL A 99 3.93 -2.59 -36.76
N TYR A 100 4.00 -1.49 -36.04
CA TYR A 100 4.71 -0.32 -36.54
C TYR A 100 5.52 0.24 -35.39
N ALA A 101 6.72 -0.31 -35.25
CA ALA A 101 7.62 0.10 -34.17
C ALA A 101 9.01 -0.44 -34.40
N TRP A 102 9.99 0.24 -33.81
CA TRP A 102 11.38 -0.16 -33.93
C TRP A 102 12.16 0.73 -32.95
N LYS A 103 13.19 0.18 -32.33
CA LYS A 103 13.96 0.95 -31.36
C LYS A 103 14.64 2.14 -32.05
N GLY A 104 14.37 3.34 -31.56
CA GLY A 104 14.98 4.52 -32.15
C GLY A 104 14.15 5.26 -33.18
N GLU A 105 12.86 5.39 -32.92
CA GLU A 105 11.98 6.10 -33.83
C GLU A 105 12.21 7.59 -33.62
N THR A 106 11.65 8.41 -34.50
CA THR A 106 11.77 9.86 -34.37
C THR A 106 10.35 10.30 -34.04
N ASP A 107 10.21 11.46 -33.40
CA ASP A 107 8.88 11.96 -33.02
C ASP A 107 7.86 11.82 -34.16
N GLU A 108 8.30 12.09 -35.38
CA GLU A 108 7.42 11.99 -36.53
C GLU A 108 7.08 10.52 -36.77
N GLU A 109 8.10 9.68 -36.85
CA GLU A 109 7.87 8.25 -37.09
C GLU A 109 6.95 7.69 -36.00
N TYR A 110 7.17 8.13 -34.77
CA TYR A 110 6.36 7.67 -33.64
C TYR A 110 4.91 7.88 -34.00
N LEU A 111 4.56 9.13 -34.25
CA LEU A 111 3.20 9.53 -34.62
C LEU A 111 2.72 8.80 -35.86
N TRP A 112 3.65 8.53 -36.79
CA TRP A 112 3.34 7.84 -38.03
C TRP A 112 2.84 6.42 -37.73
N CYS A 113 3.56 5.73 -36.85
CA CYS A 113 3.20 4.37 -36.48
C CYS A 113 1.78 4.29 -35.92
N ILE A 114 1.49 5.04 -34.86
CA ILE A 114 0.15 5.04 -34.27
C ILE A 114 -0.91 5.09 -35.36
N GLU A 115 -0.79 6.10 -36.22
CA GLU A 115 -1.76 6.30 -37.30
C GLU A 115 -1.98 5.05 -38.15
N GLN A 116 -0.91 4.33 -38.48
CA GLN A 116 -1.02 3.12 -39.28
C GLN A 116 -1.90 2.02 -38.63
N THR A 117 -2.18 2.16 -37.34
CA THR A 117 -2.97 1.14 -36.65
C THR A 117 -4.46 1.48 -36.54
N LEU A 118 -4.82 2.74 -36.76
CA LEU A 118 -6.20 3.20 -36.66
C LEU A 118 -7.19 2.49 -37.59
N TYR A 119 -6.82 2.29 -38.85
CA TYR A 119 -7.73 1.64 -39.77
C TYR A 119 -7.41 0.20 -40.15
N PHE A 120 -8.43 -0.66 -40.04
CA PHE A 120 -8.32 -2.08 -40.36
C PHE A 120 -8.95 -2.41 -41.72
N LYS A 121 -8.73 -3.63 -42.19
CA LYS A 121 -9.26 -4.06 -43.48
C LYS A 121 -10.78 -4.01 -43.54
N ASP A 122 -11.41 -3.97 -42.38
CA ASP A 122 -12.86 -3.94 -42.36
C ASP A 122 -13.43 -2.78 -41.55
N GLY A 123 -12.68 -1.68 -41.51
CA GLY A 123 -13.13 -0.51 -40.78
C GLY A 123 -12.22 -0.05 -39.66
N PRO A 124 -12.59 1.04 -38.96
CA PRO A 124 -11.84 1.63 -37.84
C PRO A 124 -11.92 0.79 -36.56
N LEU A 125 -10.98 1.04 -35.66
CA LEU A 125 -10.88 0.37 -34.39
C LEU A 125 -12.17 0.34 -33.56
N ASN A 126 -12.38 -0.76 -32.83
CA ASN A 126 -13.55 -0.94 -31.96
C ASN A 126 -13.08 -0.66 -30.54
N MSE A 127 -11.81 -0.97 -30.31
CA MSE A 127 -11.20 -0.84 -29.00
C MSE A 127 -9.85 -0.13 -29.00
O MSE A 127 -9.13 -0.06 -30.01
CB MSE A 127 -11.03 -2.26 -28.43
CG MSE A 127 -12.35 -2.97 -28.23
SE MSE A 127 -13.28 -2.19 -26.82
CE MSE A 127 -14.77 -3.22 -26.89
N ILE A 128 -9.50 0.39 -27.82
CA ILE A 128 -8.23 1.05 -27.61
C ILE A 128 -7.54 0.45 -26.40
N LEU A 129 -6.36 -0.11 -26.60
CA LEU A 129 -5.57 -0.67 -25.50
C LEU A 129 -4.41 0.33 -25.50
N ASP A 130 -4.42 1.21 -24.51
CA ASP A 130 -3.42 2.26 -24.45
C ASP A 130 -2.53 2.21 -23.21
N ASP A 131 -1.32 2.77 -23.35
CA ASP A 131 -0.35 2.86 -22.26
C ASP A 131 0.26 4.26 -22.35
N GLY A 132 -0.28 5.20 -21.58
CA GLY A 132 0.22 6.56 -21.61
C GLY A 132 -0.81 7.57 -22.08
N GLY A 133 -1.82 7.08 -22.79
CA GLY A 133 -2.87 7.95 -23.28
C GLY A 133 -2.62 8.58 -24.64
N ASP A 134 -1.48 8.29 -25.27
CA ASP A 134 -1.22 8.89 -26.56
C ASP A 134 -2.26 8.49 -27.61
N LEU A 135 -2.62 7.22 -27.66
CA LEU A 135 -3.60 6.79 -28.66
C LEU A 135 -4.95 7.42 -28.35
N THR A 136 -5.45 7.17 -27.16
CA THR A 136 -6.74 7.72 -26.77
C THR A 136 -6.74 9.24 -26.92
N ASN A 137 -5.61 9.88 -26.69
CA ASN A 137 -5.54 11.33 -26.81
C ASN A 137 -5.59 11.77 -28.27
N LEU A 138 -4.85 11.05 -29.12
CA LEU A 138 -4.80 11.34 -30.55
C LEU A 138 -6.22 11.24 -31.14
N ILE A 139 -6.91 10.15 -30.85
CA ILE A 139 -8.26 10.01 -31.39
C ILE A 139 -9.19 11.13 -30.94
N HIS A 140 -9.29 11.36 -29.65
CA HIS A 140 -10.15 12.43 -29.16
C HIS A 140 -9.82 13.79 -29.79
N THR A 141 -8.55 14.03 -30.08
CA THR A 141 -8.17 15.33 -30.63
C THR A 141 -8.06 15.43 -32.15
N LYS A 142 -7.66 14.36 -32.83
CA LYS A 142 -7.53 14.42 -34.29
C LYS A 142 -8.49 13.50 -35.05
N TYR A 143 -9.16 12.59 -34.35
CA TYR A 143 -10.08 11.68 -35.02
C TYR A 143 -11.40 11.53 -34.27
N PRO A 144 -11.93 12.66 -33.76
CA PRO A 144 -13.19 12.62 -33.00
C PRO A 144 -14.33 11.87 -33.67
N GLN A 145 -14.28 11.72 -34.98
CA GLN A 145 -15.36 11.04 -35.66
C GLN A 145 -15.29 9.51 -35.57
N LEU A 146 -14.08 8.98 -35.34
CA LEU A 146 -13.89 7.53 -35.19
C LEU A 146 -14.39 7.16 -33.79
N LEU A 147 -14.42 8.18 -32.94
CA LEU A 147 -14.83 8.05 -31.54
C LEU A 147 -16.13 7.26 -31.36
N PRO A 148 -17.27 7.79 -31.86
CA PRO A 148 -18.53 7.05 -31.69
C PRO A 148 -18.49 5.65 -32.31
N GLY A 149 -17.33 5.26 -32.83
CA GLY A 149 -17.17 3.93 -33.41
C GLY A 149 -16.44 3.01 -32.45
N ILE A 150 -15.81 3.60 -31.44
CA ILE A 150 -15.03 2.90 -30.42
C ILE A 150 -15.88 2.49 -29.20
N ARG A 151 -15.77 1.23 -28.79
CA ARG A 151 -16.56 0.73 -27.68
C ARG A 151 -15.93 0.89 -26.30
N GLY A 152 -14.61 0.96 -26.24
CA GLY A 152 -13.98 1.12 -24.93
C GLY A 152 -12.49 1.36 -24.93
N ILE A 153 -12.01 2.06 -23.89
CA ILE A 153 -10.58 2.34 -23.72
C ILE A 153 -10.08 1.53 -22.52
N SER A 154 -8.85 1.04 -22.64
CA SER A 154 -8.23 0.25 -21.58
C SER A 154 -6.83 0.85 -21.38
N GLU A 155 -6.64 1.62 -20.31
CA GLU A 155 -5.35 2.29 -20.02
C GLU A 155 -4.53 1.53 -19.00
N GLU A 156 -3.21 1.53 -19.17
CA GLU A 156 -2.38 0.77 -18.25
C GLU A 156 -1.43 1.46 -17.29
N THR A 157 -0.92 2.65 -17.62
CA THR A 157 0.03 3.30 -16.72
C THR A 157 -0.54 4.49 -15.99
N THR A 158 0.11 4.86 -14.90
CA THR A 158 -0.35 5.98 -14.07
C THR A 158 -0.56 7.33 -14.81
N THR A 159 0.37 7.71 -15.66
CA THR A 159 0.23 8.97 -16.39
C THR A 159 -0.96 8.96 -17.34
N GLY A 160 -1.23 7.80 -17.95
CA GLY A 160 -2.35 7.72 -18.86
C GLY A 160 -3.64 7.87 -18.09
N VAL A 161 -3.79 7.06 -17.05
CA VAL A 161 -4.97 7.09 -16.22
C VAL A 161 -5.21 8.48 -15.63
N HIS A 162 -4.13 9.18 -15.30
CA HIS A 162 -4.27 10.51 -14.75
C HIS A 162 -5.03 11.37 -15.77
N ASN A 163 -4.62 11.35 -17.04
CA ASN A 163 -5.34 12.14 -18.06
C ASN A 163 -6.78 11.68 -18.27
N LEU A 164 -7.05 10.39 -18.15
CA LEU A 164 -8.41 9.90 -18.33
C LEU A 164 -9.34 10.60 -17.33
N TYR A 165 -8.92 10.64 -16.07
CA TYR A 165 -9.72 11.30 -15.05
C TYR A 165 -9.85 12.79 -15.37
N LYS A 166 -8.78 13.39 -15.86
CA LYS A 166 -8.79 14.81 -16.21
C LYS A 166 -9.81 15.03 -17.32
N MSE A 167 -9.77 14.17 -18.34
CA MSE A 167 -10.68 14.27 -19.48
C MSE A 167 -12.14 14.11 -19.07
O MSE A 167 -13.00 14.93 -19.44
CB MSE A 167 -10.36 13.23 -20.56
CG MSE A 167 -8.97 13.37 -21.16
SE MSE A 167 -8.75 12.15 -22.54
CE MSE A 167 -7.03 12.62 -22.97
N MSE A 168 -12.44 13.06 -18.32
CA MSE A 168 -13.80 12.81 -17.88
C MSE A 168 -14.26 14.04 -17.10
O MSE A 168 -15.35 14.55 -17.30
CB MSE A 168 -13.88 11.59 -16.97
CG MSE A 168 -15.27 11.30 -16.43
SE MSE A 168 -16.47 10.93 -17.82
CE MSE A 168 -17.94 10.67 -16.77
N ALA A 169 -13.38 14.50 -16.21
CA ALA A 169 -13.66 15.66 -15.38
C ALA A 169 -13.93 16.92 -16.19
N ASN A 170 -13.52 16.94 -17.45
CA ASN A 170 -13.75 18.11 -18.29
C ASN A 170 -14.68 17.79 -19.46
N GLY A 171 -15.60 16.86 -19.22
CA GLY A 171 -16.55 16.45 -20.24
C GLY A 171 -15.94 16.13 -21.60
N ILE A 172 -14.67 15.75 -21.63
CA ILE A 172 -14.03 15.43 -22.89
C ILE A 172 -13.95 13.93 -23.18
N LEU A 173 -13.94 13.12 -22.13
CA LEU A 173 -13.87 11.68 -22.31
C LEU A 173 -15.17 11.27 -22.99
N LYS A 174 -15.05 10.65 -24.16
CA LYS A 174 -16.24 10.23 -24.92
C LYS A 174 -16.46 8.73 -25.08
N VAL A 175 -15.62 7.91 -24.46
CA VAL A 175 -15.75 6.46 -24.54
C VAL A 175 -15.43 5.82 -23.19
N PRO A 176 -16.16 4.75 -22.83
CA PRO A 176 -15.91 4.08 -21.55
C PRO A 176 -14.48 3.57 -21.48
N ALA A 177 -13.81 3.82 -20.36
CA ALA A 177 -12.43 3.37 -20.17
C ALA A 177 -12.25 2.67 -18.83
N ILE A 178 -11.35 1.69 -18.79
CA ILE A 178 -11.06 0.97 -17.56
C ILE A 178 -9.67 1.32 -17.06
N ASN A 179 -9.57 1.66 -15.79
CA ASN A 179 -8.29 2.01 -15.20
C ASN A 179 -7.52 0.78 -14.74
N VAL A 180 -6.79 0.16 -15.67
CA VAL A 180 -6.01 -1.04 -15.37
C VAL A 180 -4.86 -0.79 -14.40
N ASN A 181 -4.20 0.36 -14.53
CA ASN A 181 -3.07 0.64 -13.67
C ASN A 181 -3.41 0.55 -12.18
N ASP A 182 -4.53 1.13 -11.79
CA ASP A 182 -4.93 1.12 -10.39
C ASP A 182 -5.66 -0.13 -9.95
N SER A 183 -5.49 -1.17 -10.75
CA SER A 183 -6.03 -2.48 -10.44
C SER A 183 -4.97 -2.95 -9.42
N VAL A 184 -5.36 -3.41 -8.25
CA VAL A 184 -4.37 -3.82 -7.24
C VAL A 184 -3.16 -4.58 -7.75
N THR A 185 -3.42 -5.71 -8.41
CA THR A 185 -2.35 -6.55 -8.97
C THR A 185 -1.54 -5.92 -10.09
N LYS A 186 -1.66 -4.60 -10.25
CA LYS A 186 -0.90 -3.91 -11.28
C LYS A 186 -0.03 -2.85 -10.62
N SER A 187 -0.67 -1.82 -10.09
CA SER A 187 0.02 -0.70 -9.43
C SER A 187 0.88 -1.15 -8.24
N LYS A 188 0.40 -2.15 -7.50
CA LYS A 188 1.13 -2.64 -6.35
C LYS A 188 2.11 -3.76 -6.65
N PHE A 189 2.32 -4.03 -7.93
CA PHE A 189 3.26 -5.08 -8.32
C PHE A 189 4.14 -4.59 -9.47
N ASP A 190 3.53 -4.43 -10.65
CA ASP A 190 4.22 -3.93 -11.84
C ASP A 190 5.01 -2.67 -11.48
N ASN A 191 4.29 -1.62 -11.09
CA ASN A 191 4.91 -0.34 -10.74
C ASN A 191 6.04 -0.44 -9.72
N LEU A 192 5.76 -1.17 -8.63
CA LEU A 192 6.71 -1.34 -7.53
C LEU A 192 7.79 -2.37 -7.82
N TYR A 193 7.40 -3.65 -7.80
CA TYR A 193 8.33 -4.75 -8.04
C TYR A 193 9.02 -4.67 -9.40
N GLY A 194 8.25 -4.34 -10.43
CA GLY A 194 8.83 -4.21 -11.75
C GLY A 194 10.00 -3.26 -11.78
N CYS A 195 9.81 -2.02 -11.34
CA CYS A 195 10.91 -1.06 -11.35
C CYS A 195 12.04 -1.52 -10.46
N ARG A 196 11.71 -2.06 -9.29
CA ARG A 196 12.73 -2.51 -8.37
C ARG A 196 13.79 -3.33 -9.11
N GLU A 197 13.39 -4.00 -10.19
CA GLU A 197 14.34 -4.82 -10.95
C GLU A 197 14.80 -4.25 -12.29
N SER A 198 13.93 -3.50 -12.97
CA SER A 198 14.28 -2.92 -14.28
C SER A 198 15.10 -1.62 -14.26
N LEU A 199 14.91 -0.78 -13.24
CA LEU A 199 15.66 0.47 -13.17
C LEU A 199 17.16 0.23 -13.15
N ILE A 200 17.61 -0.62 -12.21
CA ILE A 200 19.04 -0.89 -12.09
C ILE A 200 19.54 -1.47 -13.41
N ASP A 201 18.68 -2.28 -14.01
CA ASP A 201 19.00 -2.96 -15.25
C ASP A 201 19.38 -1.90 -16.29
N GLY A 202 18.47 -0.95 -16.51
CA GLY A 202 18.72 0.12 -17.46
C GLY A 202 19.99 0.89 -17.16
N ILE A 203 20.16 1.30 -15.91
CA ILE A 203 21.35 2.03 -15.54
C ILE A 203 22.63 1.23 -15.84
N LYS A 204 22.67 -0.02 -15.35
CA LYS A 204 23.82 -0.92 -15.55
C LYS A 204 24.20 -1.13 -17.01
N ARG A 205 23.24 -1.56 -17.83
CA ARG A 205 23.51 -1.79 -19.25
C ARG A 205 24.01 -0.54 -19.93
N ALA A 206 23.50 0.60 -19.47
CA ALA A 206 23.91 1.88 -20.04
C ALA A 206 25.23 2.42 -19.47
N THR A 207 25.52 2.18 -18.20
CA THR A 207 26.73 2.72 -17.61
C THR A 207 27.68 1.77 -16.87
N ASP A 208 27.18 0.62 -16.46
CA ASP A 208 28.01 -0.33 -15.71
C ASP A 208 28.67 0.27 -14.46
N VAL A 209 28.08 1.35 -13.94
CA VAL A 209 28.60 2.00 -12.75
C VAL A 209 28.22 1.24 -11.48
N MSE A 210 29.05 1.32 -10.46
CA MSE A 210 28.73 0.63 -9.23
C MSE A 210 27.71 1.45 -8.46
O MSE A 210 27.87 2.69 -8.33
CB MSE A 210 29.97 0.42 -8.39
CG MSE A 210 29.74 -0.51 -7.23
SE MSE A 210 31.36 -0.96 -6.49
CE MSE A 210 30.70 -2.05 -5.15
N ILE A 211 26.67 0.79 -7.94
CA ILE A 211 25.64 1.50 -7.20
C ILE A 211 26.14 1.74 -5.78
N ALA A 212 26.61 0.67 -5.14
CA ALA A 212 27.11 0.72 -3.77
C ALA A 212 28.05 1.89 -3.51
N GLY A 213 27.97 2.44 -2.31
CA GLY A 213 28.83 3.54 -1.93
C GLY A 213 28.49 4.90 -2.55
N LYS A 214 27.47 4.95 -3.39
CA LYS A 214 27.12 6.23 -3.99
C LYS A 214 25.86 6.80 -3.40
N VAL A 215 25.62 8.07 -3.69
CA VAL A 215 24.43 8.76 -3.21
C VAL A 215 23.48 8.86 -4.38
N ALA A 216 22.33 8.23 -4.26
CA ALA A 216 21.35 8.29 -5.35
C ALA A 216 20.21 9.19 -4.89
N VAL A 217 19.66 9.97 -5.82
CA VAL A 217 18.55 10.83 -5.49
C VAL A 217 17.35 10.35 -6.30
N VAL A 218 16.25 10.10 -5.62
CA VAL A 218 15.06 9.64 -6.28
C VAL A 218 13.90 10.59 -6.03
N ALA A 219 13.48 11.27 -7.08
CA ALA A 219 12.39 12.23 -6.97
C ALA A 219 11.07 11.49 -7.03
N GLY A 220 10.34 11.56 -5.93
CA GLY A 220 9.05 10.91 -5.86
C GLY A 220 9.12 9.61 -5.13
N TYR A 221 8.11 9.33 -4.33
CA TYR A 221 8.09 8.10 -3.57
C TYR A 221 6.75 7.41 -3.72
N GLY A 222 6.29 7.32 -4.96
CA GLY A 222 5.04 6.63 -5.22
C GLY A 222 5.39 5.17 -5.47
N ASP A 223 4.48 4.38 -6.04
CA ASP A 223 4.81 2.98 -6.29
C ASP A 223 6.16 2.88 -7.00
N VAL A 224 6.35 3.66 -8.06
CA VAL A 224 7.61 3.64 -8.82
C VAL A 224 8.80 4.15 -8.00
N GLY A 225 8.59 5.19 -7.20
CA GLY A 225 9.66 5.71 -6.38
C GLY A 225 10.10 4.64 -5.39
N LYS A 226 9.14 4.12 -4.65
CA LYS A 226 9.39 3.08 -3.66
C LYS A 226 10.23 1.94 -4.25
N GLY A 227 9.88 1.51 -5.46
CA GLY A 227 10.63 0.43 -6.09
C GLY A 227 12.06 0.81 -6.38
N CYS A 228 12.24 1.95 -7.05
CA CYS A 228 13.56 2.43 -7.39
C CYS A 228 14.46 2.63 -6.18
N ALA A 229 13.92 3.32 -5.16
CA ALA A 229 14.67 3.58 -3.92
C ALA A 229 15.18 2.30 -3.28
N GLN A 230 14.26 1.36 -3.05
CA GLN A 230 14.62 0.09 -2.43
C GLN A 230 15.69 -0.64 -3.26
N ALA A 231 15.51 -0.65 -4.58
CA ALA A 231 16.45 -1.30 -5.47
C ALA A 231 17.85 -0.73 -5.30
N LEU A 232 17.95 0.60 -5.32
CA LEU A 232 19.23 1.26 -5.15
C LEU A 232 19.90 0.93 -3.82
N ARG A 233 19.25 1.19 -2.70
CA ARG A 233 19.95 0.87 -1.46
C ARG A 233 20.20 -0.63 -1.36
N GLY A 234 19.34 -1.43 -1.98
CA GLY A 234 19.56 -2.85 -1.92
C GLY A 234 20.99 -3.17 -2.33
N PHE A 235 21.56 -2.37 -3.23
CA PHE A 235 22.93 -2.56 -3.70
C PHE A 235 24.00 -1.77 -2.93
N GLY A 236 23.58 -0.98 -1.95
CA GLY A 236 24.55 -0.24 -1.16
C GLY A 236 24.67 1.24 -1.44
N ALA A 237 23.65 1.84 -2.03
CA ALA A 237 23.70 3.27 -2.30
C ALA A 237 22.93 3.99 -1.20
N ARG A 238 23.30 5.23 -0.91
CA ARG A 238 22.59 6.01 0.11
C ARG A 238 21.52 6.80 -0.62
N VAL A 239 20.30 6.30 -0.56
CA VAL A 239 19.19 6.95 -1.25
C VAL A 239 18.58 8.17 -0.58
N ILE A 240 18.57 9.28 -1.31
CA ILE A 240 17.96 10.52 -0.83
C ILE A 240 16.68 10.68 -1.67
N ILE A 241 15.60 11.06 -1.00
CA ILE A 241 14.29 11.20 -1.65
C ILE A 241 13.62 12.58 -1.58
N THR A 242 12.94 12.95 -2.66
CA THR A 242 12.21 14.21 -2.73
C THR A 242 10.74 13.88 -2.92
N GLU A 243 9.87 14.68 -2.33
CA GLU A 243 8.43 14.48 -2.42
C GLU A 243 7.70 15.78 -2.18
N ILE A 244 6.47 15.84 -2.66
CA ILE A 244 5.64 17.02 -2.47
C ILE A 244 4.47 16.62 -1.58
N ASP A 245 4.29 15.32 -1.41
CA ASP A 245 3.20 14.77 -0.60
C ASP A 245 3.67 14.34 0.80
N PRO A 246 3.06 14.91 1.85
CA PRO A 246 3.41 14.60 3.25
C PRO A 246 3.45 13.12 3.54
N ILE A 247 2.37 12.43 3.19
CA ILE A 247 2.26 11.00 3.44
C ILE A 247 3.43 10.23 2.79
N ASN A 248 3.57 10.32 1.47
CA ASN A 248 4.66 9.64 0.78
C ASN A 248 6.00 10.01 1.46
N ALA A 249 6.12 11.30 1.78
CA ALA A 249 7.32 11.83 2.42
C ALA A 249 7.55 11.14 3.76
N LEU A 250 6.51 11.11 4.57
CA LEU A 250 6.62 10.50 5.88
C LEU A 250 7.02 9.04 5.75
N GLN A 251 6.40 8.34 4.79
CA GLN A 251 6.72 6.92 4.58
C GLN A 251 8.22 6.78 4.32
N ALA A 252 8.74 7.53 3.35
CA ALA A 252 10.17 7.47 3.07
C ALA A 252 10.94 7.55 4.40
N ALA A 253 10.78 8.66 5.11
CA ALA A 253 11.48 8.85 6.38
C ALA A 253 11.33 7.64 7.32
N MSE A 254 10.13 7.09 7.38
CA MSE A 254 9.88 5.93 8.22
C MSE A 254 10.67 4.71 7.75
O MSE A 254 10.97 3.82 8.53
CB MSE A 254 8.39 5.59 8.23
CG MSE A 254 7.44 6.58 8.95
SE MSE A 254 7.71 6.55 10.80
CE MSE A 254 6.42 7.77 11.22
N GLU A 255 11.00 4.69 6.45
CA GLU A 255 11.75 3.57 5.88
C GLU A 255 13.24 3.82 5.96
N GLY A 256 13.62 4.96 6.53
CA GLY A 256 15.03 5.26 6.68
C GLY A 256 15.69 6.13 5.63
N TYR A 257 14.94 6.64 4.65
CA TYR A 257 15.55 7.50 3.65
C TYR A 257 15.48 8.95 4.05
N GLU A 258 16.54 9.70 3.76
CA GLU A 258 16.58 11.13 4.06
C GLU A 258 15.70 11.79 2.98
N VAL A 259 14.75 12.61 3.41
CA VAL A 259 13.87 13.29 2.45
C VAL A 259 14.20 14.79 2.39
N THR A 260 14.51 15.29 1.20
CA THR A 260 14.80 16.71 1.04
C THR A 260 14.26 17.25 -0.27
N THR A 261 14.77 18.43 -0.63
CA THR A 261 14.38 19.10 -1.85
C THR A 261 15.46 18.85 -2.89
N MSE A 262 15.08 18.86 -4.17
CA MSE A 262 16.05 18.63 -5.22
C MSE A 262 17.17 19.67 -5.15
O MSE A 262 18.33 19.34 -5.41
CB MSE A 262 15.38 18.68 -6.60
CG MSE A 262 16.34 18.45 -7.76
SE MSE A 262 17.16 16.75 -7.69
CE MSE A 262 18.17 16.96 -9.20
N ASP A 263 16.83 20.90 -4.77
CA ASP A 263 17.83 21.96 -4.68
C ASP A 263 18.98 21.57 -3.78
N GLU A 264 18.66 20.85 -2.71
CA GLU A 264 19.65 20.37 -1.76
C GLU A 264 20.38 19.15 -2.30
N ALA A 265 19.59 18.12 -2.61
CA ALA A 265 20.10 16.85 -3.11
C ALA A 265 20.88 16.92 -4.41
N CYS A 266 20.61 17.94 -5.23
CA CYS A 266 21.31 18.03 -6.49
C CYS A 266 22.81 18.18 -6.27
N GLN A 267 23.20 18.66 -5.08
CA GLN A 267 24.60 18.86 -4.77
C GLN A 267 25.26 17.60 -4.18
N GLU A 268 24.47 16.55 -4.00
CA GLU A 268 24.99 15.33 -3.40
C GLU A 268 24.92 14.08 -4.25
N GLY A 269 23.85 13.98 -5.04
CA GLY A 269 23.66 12.82 -5.88
C GLY A 269 24.73 12.49 -6.91
N ASN A 270 24.94 11.19 -7.07
CA ASN A 270 25.89 10.65 -8.04
C ASN A 270 24.99 10.01 -9.08
N ILE A 271 23.73 9.79 -8.69
CA ILE A 271 22.75 9.20 -9.58
C ILE A 271 21.42 9.89 -9.30
N PHE A 272 20.68 10.23 -10.34
CA PHE A 272 19.38 10.87 -10.15
C PHE A 272 18.33 10.13 -10.96
N VAL A 273 17.21 9.83 -10.32
CA VAL A 273 16.12 9.10 -10.96
C VAL A 273 14.78 9.79 -10.68
N THR A 274 14.12 10.24 -11.73
CA THR A 274 12.84 10.91 -11.53
C THR A 274 11.69 9.92 -11.73
N THR A 275 10.87 9.74 -10.69
CA THR A 275 9.73 8.83 -10.75
C THR A 275 8.46 9.66 -10.59
N THR A 276 8.66 10.97 -10.61
CA THR A 276 7.56 11.91 -10.51
C THR A 276 6.72 11.74 -11.78
N GLY A 277 5.58 12.40 -11.81
CA GLY A 277 4.78 12.30 -13.02
C GLY A 277 4.69 13.68 -13.62
N CYS A 278 5.53 14.61 -13.16
CA CYS A 278 5.44 15.96 -13.70
C CYS A 278 6.71 16.67 -14.17
N ILE A 279 6.47 17.82 -14.79
CA ILE A 279 7.49 18.69 -15.38
C ILE A 279 8.37 19.46 -14.41
N ASP A 280 9.57 19.78 -14.89
CA ASP A 280 10.51 20.59 -14.12
C ASP A 280 10.99 20.00 -12.81
N ILE A 281 11.63 18.83 -12.88
CA ILE A 281 12.13 18.18 -11.66
C ILE A 281 13.63 18.44 -11.50
N ILE A 282 14.36 18.31 -12.61
CA ILE A 282 15.81 18.54 -12.63
C ILE A 282 16.10 19.61 -13.69
N LEU A 283 16.47 20.80 -13.24
CA LEU A 283 16.74 21.91 -14.14
C LEU A 283 18.22 22.29 -14.23
N GLY A 284 18.49 23.35 -15.00
CA GLY A 284 19.84 23.85 -15.16
C GLY A 284 20.44 24.18 -13.80
N ARG A 285 19.64 24.80 -12.91
CA ARG A 285 20.10 25.12 -11.55
C ARG A 285 20.75 23.91 -10.91
N HIS A 286 20.08 22.77 -11.10
CA HIS A 286 20.48 21.49 -10.57
C HIS A 286 21.68 20.92 -11.31
N PHE A 287 21.57 20.83 -12.63
CA PHE A 287 22.67 20.30 -13.42
C PHE A 287 24.00 20.95 -13.05
N GLU A 288 24.00 22.27 -12.93
CA GLU A 288 25.22 23.00 -12.61
C GLU A 288 25.88 22.70 -11.27
N GLN A 289 25.13 22.18 -10.30
CA GLN A 289 25.72 21.86 -8.99
C GLN A 289 26.07 20.39 -8.80
N MSE A 290 25.62 19.54 -9.70
CA MSE A 290 25.90 18.11 -9.56
C MSE A 290 27.39 17.80 -9.55
O MSE A 290 28.20 18.56 -10.07
CB MSE A 290 25.21 17.30 -10.65
CG MSE A 290 23.68 17.44 -10.65
SE MSE A 290 22.98 16.42 -12.03
CE MSE A 290 21.22 16.82 -11.75
N LYS A 291 27.72 16.64 -8.97
CA LYS A 291 29.12 16.23 -8.88
C LYS A 291 29.53 15.69 -10.24
N ASP A 292 30.84 15.64 -10.49
CA ASP A 292 31.33 15.16 -11.77
C ASP A 292 30.73 13.81 -12.11
N ASP A 293 30.42 13.61 -13.40
CA ASP A 293 29.82 12.37 -13.89
C ASP A 293 28.54 11.85 -13.22
N ALA A 294 27.75 12.75 -12.65
CA ALA A 294 26.51 12.34 -12.02
C ALA A 294 25.68 11.70 -13.12
N ILE A 295 24.99 10.61 -12.81
CA ILE A 295 24.15 9.96 -13.82
C ILE A 295 22.69 10.37 -13.61
N VAL A 296 22.11 10.99 -14.63
CA VAL A 296 20.73 11.48 -14.61
C VAL A 296 19.86 10.65 -15.54
N CYS A 297 18.72 10.20 -15.04
CA CYS A 297 17.82 9.42 -15.88
C CYS A 297 16.41 9.56 -15.33
N ASN A 298 15.44 9.26 -16.17
CA ASN A 298 14.04 9.35 -15.80
C ASN A 298 13.36 7.99 -16.02
N ILE A 299 12.27 7.75 -15.31
CA ILE A 299 11.55 6.50 -15.50
C ILE A 299 10.04 6.77 -15.55
N GLY A 300 9.68 8.05 -15.52
CA GLY A 300 8.28 8.44 -15.63
C GLY A 300 7.89 8.16 -17.07
N HIS A 301 6.60 8.06 -17.36
CA HIS A 301 6.19 7.74 -18.72
C HIS A 301 6.67 8.72 -19.78
N PHE A 302 6.34 10.00 -19.61
CA PHE A 302 6.77 11.03 -20.57
C PHE A 302 8.10 11.63 -20.17
N ASP A 303 8.90 11.96 -21.16
CA ASP A 303 10.21 12.58 -20.95
C ASP A 303 10.04 14.09 -20.73
N VAL A 304 9.54 14.46 -19.55
CA VAL A 304 9.32 15.88 -19.29
C VAL A 304 9.82 16.28 -17.91
N GLU A 305 10.40 15.33 -17.20
CA GLU A 305 10.88 15.61 -15.85
C GLU A 305 12.29 16.16 -15.75
N ILE A 306 13.10 15.90 -16.77
CA ILE A 306 14.48 16.36 -16.83
C ILE A 306 14.62 17.33 -17.98
N ASP A 307 15.06 18.56 -17.70
CA ASP A 307 15.20 19.54 -18.79
C ASP A 307 16.40 19.21 -19.67
N VAL A 308 16.25 18.18 -20.49
CA VAL A 308 17.34 17.77 -21.39
C VAL A 308 17.80 18.93 -22.28
N LYS A 309 16.83 19.64 -22.87
CA LYS A 309 17.17 20.77 -23.73
C LYS A 309 18.20 21.74 -23.14
N TRP A 310 18.10 21.98 -21.84
CA TRP A 310 19.07 22.86 -21.19
C TRP A 310 20.47 22.29 -21.36
N LEU A 311 20.58 20.96 -21.38
CA LEU A 311 21.90 20.34 -21.54
C LEU A 311 22.41 20.53 -22.96
N ASN A 312 21.54 20.27 -23.93
CA ASN A 312 21.96 20.44 -25.32
C ASN A 312 22.32 21.90 -25.55
N GLU A 313 21.59 22.80 -24.89
CA GLU A 313 21.80 24.24 -25.05
C GLU A 313 22.85 24.92 -24.18
N ASN A 314 23.45 24.21 -23.23
CA ASN A 314 24.43 24.85 -22.36
C ASN A 314 25.69 24.05 -22.13
N ALA A 315 25.78 22.89 -22.77
CA ALA A 315 26.93 22.03 -22.58
C ALA A 315 28.04 22.37 -23.54
N VAL A 316 29.27 22.38 -23.06
CA VAL A 316 30.42 22.69 -23.89
C VAL A 316 30.70 21.51 -24.82
N GLU A 317 30.19 20.34 -24.47
CA GLU A 317 30.38 19.14 -25.26
C GLU A 317 29.23 18.18 -25.07
N LYS A 318 29.14 17.23 -25.99
CA LYS A 318 28.12 16.20 -25.92
C LYS A 318 28.67 14.96 -26.61
N VAL A 319 29.48 14.20 -25.89
CA VAL A 319 30.04 13.01 -26.49
C VAL A 319 29.06 11.87 -26.27
N ASN A 320 28.76 11.16 -27.35
CA ASN A 320 27.83 10.05 -27.29
C ASN A 320 28.58 8.73 -27.12
N ILE A 321 28.50 8.18 -25.92
CA ILE A 321 29.18 6.94 -25.58
C ILE A 321 28.69 5.69 -26.30
N LYS A 322 27.37 5.57 -26.43
CA LYS A 322 26.73 4.43 -27.10
C LYS A 322 25.27 4.82 -27.25
N PRO A 323 24.49 4.04 -28.00
CA PRO A 323 23.07 4.38 -28.17
C PRO A 323 22.40 4.61 -26.83
N GLN A 324 21.65 5.71 -26.73
CA GLN A 324 20.95 6.11 -25.51
C GLN A 324 21.84 6.50 -24.34
N VAL A 325 23.10 6.84 -24.61
CA VAL A 325 24.01 7.27 -23.54
C VAL A 325 24.89 8.45 -24.01
N ASP A 326 24.62 9.65 -23.49
CA ASP A 326 25.43 10.82 -23.88
C ASP A 326 26.09 11.44 -22.67
N ARG A 327 27.38 11.72 -22.79
CA ARG A 327 28.12 12.32 -21.69
C ARG A 327 28.44 13.80 -22.00
N TYR A 328 27.81 14.71 -21.26
CA TYR A 328 28.00 16.14 -21.43
C TYR A 328 29.11 16.69 -20.57
N ARG A 329 29.68 17.82 -20.99
CA ARG A 329 30.72 18.50 -20.22
C ARG A 329 30.22 19.94 -20.12
N LEU A 330 29.76 20.33 -18.94
CA LEU A 330 29.25 21.68 -18.74
C LEU A 330 30.40 22.70 -18.73
N LYS A 331 30.03 23.98 -18.71
CA LYS A 331 31.03 25.04 -18.69
C LYS A 331 31.92 24.97 -17.45
N ASN A 332 31.40 24.47 -16.34
CA ASN A 332 32.22 24.38 -15.13
C ASN A 332 33.28 23.30 -15.25
N GLY A 333 33.30 22.60 -16.37
CA GLY A 333 34.28 21.54 -16.55
C GLY A 333 33.80 20.15 -16.18
N ARG A 334 32.86 20.04 -15.23
CA ARG A 334 32.35 18.74 -14.82
C ARG A 334 31.49 18.10 -15.90
N ARG A 335 31.31 16.79 -15.81
CA ARG A 335 30.52 16.07 -16.79
C ARG A 335 29.22 15.49 -16.24
N ILE A 336 28.30 15.21 -17.16
CA ILE A 336 27.01 14.64 -16.79
C ILE A 336 26.58 13.58 -17.82
N ILE A 337 26.21 12.42 -17.30
CA ILE A 337 25.80 11.31 -18.13
C ILE A 337 24.28 11.24 -18.16
N LEU A 338 23.70 11.46 -19.34
CA LEU A 338 22.25 11.46 -19.51
C LEU A 338 21.88 10.18 -20.26
N LEU A 339 20.83 9.50 -19.79
CA LEU A 339 20.40 8.23 -20.40
C LEU A 339 19.09 8.30 -21.16
N ALA A 340 19.02 7.62 -22.30
CA ALA A 340 17.81 7.58 -23.13
C ALA A 340 17.18 8.95 -23.41
N GLU A 341 17.98 10.00 -23.32
CA GLU A 341 17.54 11.36 -23.56
C GLU A 341 16.35 11.79 -22.70
N GLY A 342 16.32 11.31 -21.46
CA GLY A 342 15.24 11.65 -20.56
C GLY A 342 14.05 10.71 -20.63
N ARG A 343 14.06 9.82 -21.62
CA ARG A 343 12.96 8.88 -21.78
C ARG A 343 13.13 7.66 -20.86
N LEU A 344 12.03 7.18 -20.29
CA LEU A 344 12.03 6.05 -19.34
C LEU A 344 13.15 5.06 -19.58
N VAL A 345 14.13 5.15 -18.69
CA VAL A 345 15.35 4.38 -18.76
C VAL A 345 15.24 2.85 -18.77
N ASN A 346 14.36 2.27 -17.97
CA ASN A 346 14.24 0.80 -17.92
C ASN A 346 13.97 0.18 -19.29
N LEU A 347 13.07 0.80 -20.05
CA LEU A 347 12.75 0.32 -21.39
C LEU A 347 13.76 0.85 -22.42
N GLY A 348 14.13 2.12 -22.27
CA GLY A 348 15.06 2.74 -23.20
C GLY A 348 16.46 2.15 -23.16
N CYS A 349 16.96 1.84 -21.98
CA CYS A 349 18.31 1.30 -21.86
C CYS A 349 18.39 -0.16 -21.47
N ALA A 350 17.25 -0.82 -21.32
CA ALA A 350 17.27 -2.23 -20.96
C ALA A 350 16.14 -2.96 -21.65
N MSE A 351 15.47 -3.86 -20.95
CA MSE A 351 14.38 -4.61 -21.54
C MSE A 351 13.08 -4.38 -20.78
O MSE A 351 12.08 -5.09 -20.98
CB MSE A 351 14.74 -6.10 -21.57
CG MSE A 351 16.00 -6.45 -22.36
SE MSE A 351 15.80 -6.11 -24.20
CE MSE A 351 17.47 -6.66 -24.73
N GLY A 352 13.08 -3.37 -19.92
CA GLY A 352 11.89 -3.06 -19.16
C GLY A 352 11.70 -4.06 -18.03
N HIS A 353 10.45 -4.25 -17.62
CA HIS A 353 10.12 -5.17 -16.54
C HIS A 353 10.25 -6.63 -16.92
N PRO A 354 10.55 -7.49 -15.95
CA PRO A 354 10.70 -8.91 -16.23
C PRO A 354 9.35 -9.48 -16.66
N SER A 355 9.41 -10.58 -17.41
CA SER A 355 8.24 -11.26 -17.94
C SER A 355 7.14 -11.56 -16.92
N PHE A 356 7.53 -12.18 -15.81
CA PHE A 356 6.58 -12.56 -14.77
C PHE A 356 5.64 -11.47 -14.28
N VAL A 357 6.18 -10.40 -13.71
CA VAL A 357 5.33 -9.34 -13.18
C VAL A 357 4.47 -8.75 -14.29
N MSE A 358 4.96 -8.82 -15.52
CA MSE A 358 4.18 -8.24 -16.59
C MSE A 358 2.94 -9.05 -16.90
O MSE A 358 1.95 -8.51 -17.40
CB MSE A 358 5.02 -8.00 -17.84
CG MSE A 358 4.62 -6.65 -18.36
SE MSE A 358 5.26 -5.29 -17.25
CE MSE A 358 4.40 -4.02 -18.18
N SER A 359 2.98 -10.35 -16.60
CA SER A 359 1.83 -11.23 -16.82
C SER A 359 0.66 -10.66 -16.03
N ASN A 360 0.95 -10.11 -14.85
CA ASN A 360 -0.09 -9.51 -14.03
C ASN A 360 -0.70 -8.34 -14.77
N SER A 361 0.10 -7.32 -15.04
CA SER A 361 -0.40 -6.18 -15.77
C SER A 361 -1.27 -6.61 -16.94
N PHE A 362 -0.65 -7.32 -17.88
CA PHE A 362 -1.38 -7.75 -19.05
C PHE A 362 -2.62 -8.63 -18.84
N THR A 363 -2.64 -9.46 -17.79
CA THR A 363 -3.82 -10.27 -17.57
C THR A 363 -5.00 -9.33 -17.29
N ASN A 364 -4.72 -8.27 -16.53
CA ASN A 364 -5.74 -7.27 -16.20
C ASN A 364 -6.17 -6.60 -17.50
N GLN A 365 -5.18 -6.38 -18.36
CA GLN A 365 -5.40 -5.73 -19.63
C GLN A 365 -6.34 -6.54 -20.51
N VAL A 366 -6.11 -7.85 -20.59
CA VAL A 366 -6.98 -8.74 -21.39
C VAL A 366 -8.39 -8.77 -20.82
N MSE A 367 -8.49 -8.86 -19.50
CA MSE A 367 -9.78 -8.90 -18.80
C MSE A 367 -10.54 -7.61 -19.12
O MSE A 367 -11.75 -7.65 -19.40
CB MSE A 367 -9.58 -9.03 -17.28
CG MSE A 367 -8.98 -10.35 -16.79
SE MSE A 367 -8.81 -10.33 -14.93
CE MSE A 367 -8.10 -12.00 -14.70
N ALA A 368 -9.83 -6.49 -19.07
CA ALA A 368 -10.42 -5.19 -19.35
C ALA A 368 -11.01 -5.20 -20.74
N GLN A 369 -10.20 -5.60 -21.72
CA GLN A 369 -10.69 -5.68 -23.09
C GLN A 369 -11.96 -6.55 -23.16
N ILE A 370 -11.93 -7.76 -22.58
CA ILE A 370 -13.10 -8.61 -22.62
C ILE A 370 -14.31 -7.90 -22.01
N GLU A 371 -14.11 -7.22 -20.87
CA GLU A 371 -15.21 -6.50 -20.22
C GLU A 371 -15.87 -5.47 -21.11
N LEU A 372 -15.09 -4.49 -21.57
CA LEU A 372 -15.64 -3.44 -22.44
C LEU A 372 -16.29 -4.00 -23.70
N TRP A 373 -15.64 -4.99 -24.33
CA TRP A 373 -16.18 -5.55 -25.57
C TRP A 373 -17.37 -6.47 -25.47
N THR A 374 -17.42 -7.28 -24.42
CA THR A 374 -18.52 -8.23 -24.24
C THR A 374 -19.66 -7.70 -23.37
N HIS A 375 -19.39 -6.70 -22.55
CA HIS A 375 -20.41 -6.12 -21.67
C HIS A 375 -20.39 -4.60 -21.71
N PRO A 376 -20.61 -4.02 -22.90
CA PRO A 376 -20.62 -2.57 -23.08
C PRO A 376 -21.61 -1.89 -22.13
N ASP A 377 -22.83 -2.39 -22.14
CA ASP A 377 -23.92 -1.87 -21.31
C ASP A 377 -23.59 -1.86 -19.83
N LYS A 378 -22.41 -2.35 -19.47
CA LYS A 378 -22.03 -2.37 -18.07
C LYS A 378 -21.04 -1.26 -17.75
N TYR A 379 -20.61 -0.51 -18.76
CA TYR A 379 -19.66 0.57 -18.55
C TYR A 379 -20.02 1.88 -19.22
N PRO A 380 -20.68 2.78 -18.47
CA PRO A 380 -21.09 4.10 -18.97
C PRO A 380 -19.84 4.88 -19.34
N VAL A 381 -20.00 5.99 -20.06
CA VAL A 381 -18.82 6.77 -20.40
C VAL A 381 -18.23 7.20 -19.07
N GLY A 382 -16.94 6.95 -18.91
CA GLY A 382 -16.26 7.28 -17.66
C GLY A 382 -15.16 6.25 -17.44
N VAL A 383 -14.45 6.36 -16.33
CA VAL A 383 -13.36 5.43 -16.03
C VAL A 383 -13.70 4.56 -14.84
N HIS A 384 -13.56 3.25 -15.01
CA HIS A 384 -13.89 2.30 -13.96
C HIS A 384 -12.71 1.38 -13.59
N PHE A 385 -12.90 0.58 -12.54
CA PHE A 385 -11.91 -0.37 -12.08
C PHE A 385 -12.45 -1.76 -12.31
N LEU A 386 -11.57 -2.73 -12.48
CA LEU A 386 -12.02 -4.09 -12.66
C LEU A 386 -12.60 -4.45 -11.30
N PRO A 387 -13.44 -5.50 -11.24
CA PRO A 387 -14.05 -5.94 -9.99
C PRO A 387 -12.98 -6.55 -9.09
N LYS A 388 -13.04 -6.31 -7.78
CA LYS A 388 -12.01 -6.87 -6.91
C LYS A 388 -11.89 -8.39 -7.08
N LYS A 389 -13.00 -9.08 -7.32
CA LYS A 389 -12.89 -10.52 -7.44
C LYS A 389 -12.05 -10.91 -8.64
N LEU A 390 -12.11 -10.13 -9.71
CA LEU A 390 -11.30 -10.44 -10.89
C LEU A 390 -9.84 -10.11 -10.58
N ASP A 391 -9.65 -9.04 -9.83
CA ASP A 391 -8.32 -8.59 -9.46
C ASP A 391 -7.64 -9.68 -8.64
N GLU A 392 -8.36 -10.26 -7.69
CA GLU A 392 -7.80 -11.31 -6.86
C GLU A 392 -7.46 -12.49 -7.75
N ALA A 393 -8.33 -12.75 -8.73
CA ALA A 393 -8.10 -13.83 -9.66
C ALA A 393 -6.73 -13.69 -10.33
N VAL A 394 -6.46 -12.50 -10.87
CA VAL A 394 -5.17 -12.25 -11.52
C VAL A 394 -4.05 -12.76 -10.65
N ALA A 395 -4.04 -12.31 -9.39
CA ALA A 395 -3.00 -12.73 -8.45
C ALA A 395 -3.00 -14.24 -8.23
N GLU A 396 -4.18 -14.81 -8.03
CA GLU A 396 -4.26 -16.24 -7.79
C GLU A 396 -3.62 -17.02 -8.92
N ALA A 397 -3.84 -16.54 -10.14
CA ALA A 397 -3.29 -17.19 -11.32
C ALA A 397 -1.76 -17.34 -11.37
N HIS A 398 -1.04 -16.56 -10.56
CA HIS A 398 0.41 -16.66 -10.58
C HIS A 398 0.98 -17.33 -9.33
N LEU A 399 0.10 -17.86 -8.48
CA LEU A 399 0.55 -18.52 -7.27
C LEU A 399 1.16 -19.89 -7.57
N GLY A 400 0.54 -20.64 -8.48
CA GLY A 400 1.07 -21.95 -8.81
C GLY A 400 2.51 -21.90 -9.29
N LYS A 401 2.78 -20.98 -10.21
CA LYS A 401 4.13 -20.82 -10.76
C LYS A 401 5.20 -20.56 -9.68
N LEU A 402 4.81 -19.89 -8.59
CA LEU A 402 5.76 -19.60 -7.52
C LEU A 402 5.60 -20.62 -6.42
N ASN A 403 4.75 -21.60 -6.69
CA ASN A 403 4.48 -22.69 -5.78
C ASN A 403 4.02 -22.25 -4.39
N VAL A 404 3.16 -21.23 -4.38
CA VAL A 404 2.62 -20.71 -3.15
C VAL A 404 1.37 -21.51 -2.79
N LYS A 405 1.30 -22.03 -1.57
CA LYS A 405 0.13 -22.78 -1.16
C LYS A 405 -0.77 -21.84 -0.37
N LEU A 406 -1.91 -21.48 -0.96
CA LEU A 406 -2.84 -20.56 -0.33
C LEU A 406 -3.73 -21.30 0.67
N THR A 407 -4.13 -20.61 1.74
CA THR A 407 -4.98 -21.22 2.76
C THR A 407 -6.45 -20.98 2.41
N LYS A 408 -7.28 -22.00 2.56
CA LYS A 408 -8.70 -21.86 2.27
C LYS A 408 -9.49 -21.59 3.54
N LEU A 409 -10.07 -20.40 3.60
CA LEU A 409 -10.85 -19.98 4.74
C LEU A 409 -11.92 -21.04 5.04
N THR A 410 -11.98 -21.56 6.26
CA THR A 410 -12.98 -22.58 6.59
C THR A 410 -14.38 -21.97 6.65
N GLU A 411 -15.39 -22.82 6.51
CA GLU A 411 -16.78 -22.37 6.56
C GLU A 411 -17.00 -21.57 7.85
N LYS A 412 -16.61 -22.16 8.96
CA LYS A 412 -16.74 -21.56 10.27
C LYS A 412 -16.07 -20.17 10.29
N GLN A 413 -14.88 -20.08 9.72
CA GLN A 413 -14.12 -18.83 9.66
C GLN A 413 -14.72 -17.80 8.73
N ALA A 414 -15.07 -18.23 7.52
CA ALA A 414 -15.67 -17.34 6.52
C ALA A 414 -16.86 -16.59 7.11
N GLN A 415 -17.62 -17.26 7.97
CA GLN A 415 -18.76 -16.60 8.57
C GLN A 415 -18.33 -15.59 9.61
N TYR A 416 -17.42 -16.00 10.48
CA TYR A 416 -16.92 -15.09 11.52
C TYR A 416 -16.48 -13.79 10.82
N LEU A 417 -15.71 -13.95 9.76
CA LEU A 417 -15.19 -12.81 9.02
C LEU A 417 -16.26 -12.16 8.16
N GLY A 418 -17.37 -12.86 7.98
CA GLY A 418 -18.45 -12.32 7.18
C GLY A 418 -18.08 -12.10 5.73
N MSE A 419 -17.51 -13.14 5.10
CA MSE A 419 -17.10 -13.06 3.70
C MSE A 419 -17.09 -14.45 3.08
O MSE A 419 -16.96 -15.47 3.76
CB MSE A 419 -15.70 -12.45 3.57
CG MSE A 419 -14.63 -13.16 4.38
SE MSE A 419 -12.96 -12.40 4.09
CE MSE A 419 -11.99 -13.46 5.21
N SER A 420 -17.24 -14.49 1.75
CA SER A 420 -17.22 -15.75 1.03
C SER A 420 -15.84 -16.36 1.05
N CYS A 421 -15.77 -17.65 1.33
CA CYS A 421 -14.47 -18.30 1.36
C CYS A 421 -13.88 -18.24 -0.06
N ASP A 422 -14.65 -17.66 -0.98
CA ASP A 422 -14.25 -17.52 -2.38
C ASP A 422 -14.26 -16.06 -2.81
N GLY A 423 -15.43 -15.44 -2.64
CA GLY A 423 -15.66 -14.06 -3.02
C GLY A 423 -14.63 -13.12 -2.46
N PRO A 424 -14.76 -11.81 -2.74
CA PRO A 424 -13.88 -10.73 -2.30
C PRO A 424 -13.42 -10.89 -0.87
N PHE A 425 -12.12 -10.71 -0.64
CA PHE A 425 -11.57 -10.87 0.70
C PHE A 425 -11.34 -9.56 1.42
N LYS A 426 -11.59 -8.45 0.75
CA LYS A 426 -11.37 -7.15 1.37
C LYS A 426 -12.22 -6.01 0.84
N PRO A 427 -12.41 -4.97 1.65
CA PRO A 427 -13.20 -3.77 1.33
C PRO A 427 -12.63 -3.01 0.13
N ASP A 428 -13.47 -2.32 -0.61
CA ASP A 428 -13.00 -1.58 -1.77
C ASP A 428 -11.89 -0.62 -1.40
N HIS A 429 -11.90 -0.10 -0.17
CA HIS A 429 -10.88 0.85 0.24
C HIS A 429 -9.60 0.22 0.73
N TYR A 430 -9.54 -1.10 0.83
CA TYR A 430 -8.33 -1.74 1.31
C TYR A 430 -7.17 -1.29 0.46
N ARG A 431 -6.05 -0.94 1.10
CA ARG A 431 -4.90 -0.45 0.37
C ARG A 431 -3.73 -1.43 0.22
N TYR A 432 -3.91 -2.69 0.64
CA TYR A 432 -2.86 -3.70 0.54
C TYR A 432 -1.48 -3.16 0.90
N ASP B 3 -22.66 4.03 45.56
CA ASP B 3 -21.87 5.24 45.14
C ASP B 3 -21.28 5.03 43.75
N LYS B 4 -19.99 5.33 43.63
CA LYS B 4 -19.21 5.20 42.40
C LYS B 4 -17.79 5.72 42.67
N LEU B 5 -16.82 4.83 42.55
CA LEU B 5 -15.41 5.18 42.76
C LEU B 5 -15.01 6.24 41.73
N PRO B 6 -14.23 7.25 42.13
CA PRO B 6 -13.79 8.30 41.22
C PRO B 6 -12.84 7.76 40.16
N TYR B 7 -12.52 6.47 40.28
CA TYR B 7 -11.61 5.77 39.38
C TYR B 7 -11.14 4.51 40.08
N LYS B 8 -10.31 3.72 39.41
CA LYS B 8 -9.76 2.48 39.99
C LYS B 8 -8.52 2.03 39.22
N VAL B 9 -7.37 2.14 39.86
CA VAL B 9 -6.12 1.72 39.22
C VAL B 9 -5.32 0.82 40.14
N ALA B 10 -4.28 0.19 39.61
CA ALA B 10 -3.45 -0.72 40.41
C ALA B 10 -2.79 -0.02 41.60
N ASP B 11 -2.17 1.14 41.35
CA ASP B 11 -1.52 1.89 42.42
C ASP B 11 -1.32 3.37 42.08
N ILE B 12 -2.16 4.22 42.67
CA ILE B 12 -2.09 5.66 42.41
C ILE B 12 -0.67 6.19 42.68
N GLY B 13 0.10 5.45 43.48
CA GLY B 13 1.46 5.87 43.81
C GLY B 13 2.37 6.08 42.61
N LEU B 14 2.11 5.33 41.53
CA LEU B 14 2.90 5.42 40.31
C LEU B 14 2.69 6.74 39.57
N ALA B 15 1.77 7.56 40.07
CA ALA B 15 1.47 8.85 39.45
C ALA B 15 2.73 9.63 39.08
N ALA B 16 3.67 9.72 40.01
CA ALA B 16 4.91 10.45 39.75
C ALA B 16 5.59 9.96 38.47
N TRP B 17 5.98 8.69 38.48
CA TRP B 17 6.64 8.07 37.34
C TRP B 17 5.74 8.15 36.11
N GLY B 18 4.43 8.18 36.33
CA GLY B 18 3.48 8.31 35.24
C GLY B 18 3.83 9.57 34.48
N ARG B 19 3.79 10.72 35.16
CA ARG B 19 4.14 11.97 34.49
C ARG B 19 5.46 11.86 33.76
N LYS B 20 6.47 11.31 34.43
CA LYS B 20 7.79 11.14 33.83
C LYS B 20 7.61 10.66 32.39
N ALA B 21 6.96 9.50 32.26
CA ALA B 21 6.70 8.90 30.96
C ALA B 21 5.86 9.79 30.03
N LEU B 22 4.70 10.25 30.50
CA LEU B 22 3.87 11.10 29.66
C LEU B 22 4.73 12.25 29.16
N ASP B 23 5.36 12.95 30.10
CA ASP B 23 6.23 14.09 29.81
C ASP B 23 7.15 13.83 28.63
N ILE B 24 7.74 12.65 28.59
CA ILE B 24 8.65 12.33 27.50
C ILE B 24 7.87 11.94 26.24
N ALA B 25 6.78 11.21 26.41
CA ALA B 25 5.97 10.79 25.26
C ALA B 25 5.40 11.99 24.53
N GLU B 26 5.09 13.05 25.25
CA GLU B 26 4.52 14.23 24.61
C GLU B 26 5.51 14.82 23.64
N ASN B 27 6.80 14.72 23.94
CA ASN B 27 7.80 15.31 23.06
C ASN B 27 8.03 14.46 21.81
N GLU B 28 7.38 13.30 21.78
CA GLU B 28 7.47 12.38 20.64
C GLU B 28 6.19 12.42 19.82
N MSE B 29 5.19 13.12 20.33
CA MSE B 29 3.89 13.21 19.68
C MSE B 29 3.53 14.61 19.22
O MSE B 29 2.55 15.19 19.69
CB MSE B 29 2.83 12.67 20.63
CG MSE B 29 3.18 11.29 21.13
SE MSE B 29 2.00 10.72 22.41
CE MSE B 29 2.77 9.08 22.69
N PRO B 30 4.30 15.17 18.29
CA PRO B 30 4.07 16.52 17.75
C PRO B 30 2.65 16.67 17.24
N GLY B 31 2.03 15.56 16.89
CA GLY B 31 0.66 15.62 16.40
C GLY B 31 -0.31 16.09 17.46
N LEU B 32 -0.55 15.25 18.47
CA LEU B 32 -1.47 15.61 19.54
C LEU B 32 -1.09 16.98 20.09
N MSE B 33 0.20 17.20 20.29
CA MSE B 33 0.66 18.47 20.82
C MSE B 33 0.33 19.63 19.90
O MSE B 33 0.13 20.75 20.35
CB MSE B 33 2.16 18.43 21.13
CG MSE B 33 2.43 18.60 22.62
SE MSE B 33 1.54 17.30 23.59
CE MSE B 33 2.09 17.85 25.25
N ARG B 34 0.25 19.36 18.59
CA ARG B 34 -0.10 20.41 17.65
C ARG B 34 -1.59 20.71 17.80
N MSE B 35 -2.37 19.65 17.99
CA MSE B 35 -3.80 19.78 18.16
C MSE B 35 -4.10 20.62 19.40
O MSE B 35 -4.96 21.50 19.36
CB MSE B 35 -4.42 18.38 18.28
CG MSE B 35 -5.71 18.21 17.50
SE MSE B 35 -5.44 18.36 15.64
CE MSE B 35 -7.19 18.08 15.16
N ARG B 36 -3.38 20.36 20.49
CA ARG B 36 -3.58 21.11 21.74
C ARG B 36 -3.35 22.60 21.62
N GLU B 37 -2.25 23.01 21.00
CA GLU B 37 -1.95 24.42 20.88
C GLU B 37 -2.78 25.15 19.83
N ARG B 38 -3.64 24.40 19.15
CA ARG B 38 -4.50 24.98 18.13
C ARG B 38 -5.96 25.01 18.60
N TYR B 39 -6.31 24.15 19.55
CA TYR B 39 -7.69 24.13 20.03
C TYR B 39 -7.87 24.36 21.53
N SER B 40 -6.77 24.45 22.27
CA SER B 40 -6.86 24.67 23.71
C SER B 40 -7.75 25.88 24.03
N ALA B 41 -7.67 26.91 23.19
CA ALA B 41 -8.46 28.11 23.41
C ALA B 41 -9.93 27.90 23.04
N SER B 42 -10.18 27.65 21.76
CA SER B 42 -11.53 27.44 21.25
C SER B 42 -12.35 26.37 21.96
N LYS B 43 -11.68 25.42 22.60
CA LYS B 43 -12.36 24.34 23.33
C LYS B 43 -13.47 23.69 22.47
N PRO B 44 -13.15 23.30 21.23
CA PRO B 44 -14.11 22.68 20.30
C PRO B 44 -14.89 21.48 20.82
N LEU B 45 -14.33 20.75 21.78
CA LEU B 45 -15.02 19.59 22.35
C LEU B 45 -15.83 19.91 23.59
N LYS B 46 -16.04 21.19 23.84
CA LYS B 46 -16.82 21.62 24.99
C LYS B 46 -18.20 20.97 24.98
N GLY B 47 -18.59 20.40 26.12
CA GLY B 47 -19.90 19.78 26.20
C GLY B 47 -19.89 18.30 25.87
N ALA B 48 -18.82 17.84 25.25
CA ALA B 48 -18.73 16.44 24.88
C ALA B 48 -18.42 15.58 26.11
N ARG B 49 -19.08 14.43 26.21
CA ARG B 49 -18.85 13.49 27.30
C ARG B 49 -18.38 12.23 26.64
N ILE B 50 -17.06 12.14 26.47
CA ILE B 50 -16.41 11.01 25.79
C ILE B 50 -16.15 9.78 26.65
N ALA B 51 -16.65 8.64 26.20
CA ALA B 51 -16.44 7.38 26.89
C ALA B 51 -15.38 6.65 26.06
N GLY B 52 -14.18 6.56 26.60
CA GLY B 52 -13.09 5.90 25.89
C GLY B 52 -12.84 4.48 26.34
N CYS B 53 -12.56 3.61 25.39
CA CYS B 53 -12.28 2.21 25.68
C CYS B 53 -11.14 1.80 24.79
N LEU B 54 -9.95 2.29 25.13
CA LEU B 54 -8.75 2.02 24.36
C LEU B 54 -7.56 1.82 25.30
N HIS B 55 -6.77 0.78 25.02
CA HIS B 55 -5.58 0.43 25.81
C HIS B 55 -5.08 1.62 26.65
N MSE B 56 -5.12 1.49 27.98
CA MSE B 56 -4.67 2.59 28.85
C MSE B 56 -3.14 2.61 28.93
O MSE B 56 -2.55 2.08 29.89
CB MSE B 56 -5.26 2.47 30.25
CG MSE B 56 -4.88 3.65 31.13
SE MSE B 56 -5.56 5.22 30.39
CE MSE B 56 -4.90 6.36 31.65
N THR B 57 -2.50 3.23 27.95
CA THR B 57 -1.03 3.32 27.91
C THR B 57 -0.57 4.76 27.98
N VAL B 58 0.73 4.93 28.16
CA VAL B 58 1.32 6.26 28.23
C VAL B 58 0.80 7.12 27.09
N GLU B 59 0.91 6.60 25.87
CA GLU B 59 0.45 7.34 24.70
C GLU B 59 -1.00 7.76 24.90
N THR B 60 -1.85 6.78 25.18
CA THR B 60 -3.27 7.03 25.40
C THR B 60 -3.49 8.19 26.37
N ALA B 61 -2.67 8.24 27.42
CA ALA B 61 -2.78 9.28 28.42
C ALA B 61 -2.59 10.65 27.79
N VAL B 62 -1.63 10.76 26.86
CA VAL B 62 -1.40 12.04 26.22
C VAL B 62 -2.64 12.42 25.42
N LEU B 63 -3.29 11.41 24.85
CA LEU B 63 -4.50 11.62 24.07
C LEU B 63 -5.58 12.12 25.02
N ILE B 64 -5.82 11.34 26.07
CA ILE B 64 -6.82 11.65 27.07
C ILE B 64 -6.73 13.11 27.51
N GLU B 65 -5.53 13.56 27.89
CA GLU B 65 -5.38 14.94 28.32
C GLU B 65 -5.60 15.90 27.18
N THR B 66 -5.32 15.47 25.96
CA THR B 66 -5.52 16.34 24.81
C THR B 66 -7.01 16.60 24.66
N LEU B 67 -7.80 15.54 24.76
CA LEU B 67 -9.24 15.68 24.64
C LEU B 67 -9.70 16.69 25.69
N VAL B 68 -9.16 16.55 26.90
CA VAL B 68 -9.51 17.44 28.01
C VAL B 68 -9.13 18.89 27.71
N THR B 69 -7.90 19.11 27.26
CA THR B 69 -7.47 20.45 26.94
C THR B 69 -8.42 21.09 25.93
N LEU B 70 -9.06 20.25 25.11
CA LEU B 70 -10.02 20.76 24.14
C LEU B 70 -11.39 20.97 24.78
N GLY B 71 -11.49 20.60 26.05
CA GLY B 71 -12.72 20.79 26.80
C GLY B 71 -13.80 19.72 26.77
N ALA B 72 -13.42 18.46 26.78
CA ALA B 72 -14.43 17.40 26.76
C ALA B 72 -14.33 16.60 28.04
N GLU B 73 -15.45 16.34 28.69
CA GLU B 73 -15.40 15.53 29.91
C GLU B 73 -15.00 14.15 29.40
N VAL B 74 -14.19 13.41 30.15
CA VAL B 74 -13.76 12.11 29.70
C VAL B 74 -13.69 11.05 30.79
N GLN B 75 -14.11 9.84 30.46
CA GLN B 75 -14.07 8.73 31.39
C GLN B 75 -13.48 7.60 30.57
N TRP B 76 -12.55 6.85 31.16
CA TRP B 76 -11.82 5.86 30.40
C TRP B 76 -11.61 4.46 30.99
N SER B 77 -11.41 3.50 30.10
CA SER B 77 -11.15 2.11 30.47
C SER B 77 -10.34 1.53 29.30
N SER B 78 -9.61 0.45 29.56
CA SER B 78 -8.80 -0.17 28.50
C SER B 78 -9.66 -1.09 27.66
N CYS B 79 -9.21 -1.38 26.44
CA CYS B 79 -9.94 -2.27 25.56
C CYS B 79 -9.35 -3.68 25.62
N ASN B 80 -8.52 -3.91 26.63
CA ASN B 80 -7.88 -5.21 26.84
C ASN B 80 -7.39 -5.30 28.29
N ILE B 81 -7.55 -6.46 28.90
CA ILE B 81 -7.18 -6.68 30.29
C ILE B 81 -5.69 -6.67 30.61
N PHE B 82 -4.83 -6.88 29.62
CA PHE B 82 -3.39 -6.89 29.88
C PHE B 82 -2.62 -5.67 29.37
N SER B 83 -3.22 -4.94 28.44
CA SER B 83 -2.57 -3.78 27.83
C SER B 83 -2.42 -2.53 28.66
N THR B 84 -3.07 -2.47 29.81
CA THR B 84 -2.95 -1.26 30.62
C THR B 84 -1.54 -1.09 31.19
N GLN B 85 -1.09 0.16 31.24
CA GLN B 85 0.21 0.49 31.79
C GLN B 85 -0.14 1.27 33.05
N ASN B 86 0.06 0.64 34.21
CA ASN B 86 -0.31 1.23 35.49
C ASN B 86 0.13 2.65 35.82
N HIS B 87 1.41 2.97 35.68
CA HIS B 87 1.84 4.32 36.00
C HIS B 87 1.13 5.35 35.13
N ALA B 88 0.86 4.99 33.88
CA ALA B 88 0.14 5.90 33.00
C ALA B 88 -1.31 5.94 33.48
N ALA B 89 -1.82 4.79 33.91
CA ALA B 89 -3.17 4.72 34.40
C ALA B 89 -3.26 5.68 35.57
N ALA B 90 -2.36 5.50 36.54
CA ALA B 90 -2.33 6.33 37.73
C ALA B 90 -2.22 7.82 37.42
N ALA B 91 -1.22 8.19 36.62
CA ALA B 91 -1.04 9.59 36.28
C ALA B 91 -2.38 10.22 35.93
N ILE B 92 -3.15 9.56 35.08
CA ILE B 92 -4.45 10.07 34.67
C ILE B 92 -5.44 10.14 35.84
N ALA B 93 -5.48 9.10 36.66
CA ALA B 93 -6.38 9.07 37.81
C ALA B 93 -6.07 10.30 38.65
N LYS B 94 -4.80 10.45 39.02
CA LYS B 94 -4.40 11.58 39.83
C LYS B 94 -4.78 12.92 39.18
N ALA B 95 -4.96 12.92 37.87
CA ALA B 95 -5.33 14.13 37.16
C ALA B 95 -6.81 14.46 37.34
N GLY B 96 -7.51 13.59 38.07
CA GLY B 96 -8.92 13.82 38.32
C GLY B 96 -9.80 13.37 37.15
N ILE B 97 -9.28 12.43 36.38
CA ILE B 97 -10.00 11.90 35.25
C ILE B 97 -10.35 10.45 35.60
N PRO B 98 -11.65 10.10 35.56
CA PRO B 98 -12.08 8.74 35.87
C PRO B 98 -11.44 7.67 34.97
N VAL B 99 -10.57 6.85 35.55
CA VAL B 99 -9.93 5.78 34.80
C VAL B 99 -10.28 4.47 35.49
N TYR B 100 -10.56 3.44 34.70
CA TYR B 100 -10.87 2.14 35.29
C TYR B 100 -10.13 1.11 34.50
N ALA B 101 -8.87 0.90 34.87
CA ALA B 101 -8.00 -0.05 34.22
C ALA B 101 -6.74 -0.34 35.03
N TRP B 102 -6.19 -1.52 34.82
CA TRP B 102 -4.97 -1.95 35.51
C TRP B 102 -4.50 -3.23 34.81
N LYS B 103 -3.19 -3.41 34.73
CA LYS B 103 -2.67 -4.59 34.05
C LYS B 103 -3.07 -5.84 34.79
N GLY B 104 -3.74 -6.75 34.09
CA GLY B 104 -4.15 -7.99 34.72
C GLY B 104 -5.59 -8.04 35.22
N GLU B 105 -6.50 -7.44 34.47
CA GLU B 105 -7.91 -7.46 34.85
C GLU B 105 -8.46 -8.86 34.57
N THR B 106 -9.68 -9.13 35.02
CA THR B 106 -10.32 -10.41 34.77
C THR B 106 -11.48 -10.04 33.84
N ASP B 107 -11.96 -11.00 33.05
CA ASP B 107 -13.06 -10.73 32.13
C ASP B 107 -14.18 -9.92 32.77
N GLU B 108 -14.49 -10.23 34.03
CA GLU B 108 -15.55 -9.53 34.75
C GLU B 108 -15.10 -8.10 35.03
N GLU B 109 -13.92 -7.96 35.61
CA GLU B 109 -13.41 -6.62 35.92
C GLU B 109 -13.33 -5.78 34.65
N TYR B 110 -12.93 -6.42 33.55
CA TYR B 110 -12.82 -5.74 32.27
C TYR B 110 -14.17 -5.07 31.99
N LEU B 111 -15.21 -5.90 31.94
CA LEU B 111 -16.57 -5.46 31.68
C LEU B 111 -17.02 -4.42 32.71
N TRP B 112 -16.55 -4.59 33.93
CA TRP B 112 -16.90 -3.69 35.03
C TRP B 112 -16.38 -2.28 34.74
N CYS B 113 -15.12 -2.19 34.34
CA CYS B 113 -14.53 -0.90 34.04
C CYS B 113 -15.29 -0.12 32.96
N ILE B 114 -15.51 -0.73 31.81
CA ILE B 114 -16.24 -0.05 30.73
C ILE B 114 -17.48 0.60 31.29
N GLU B 115 -18.30 -0.19 31.98
CA GLU B 115 -19.55 0.29 32.58
C GLU B 115 -19.37 1.55 33.41
N GLN B 116 -18.32 1.60 34.22
CA GLN B 116 -18.06 2.76 35.07
C GLN B 116 -17.81 4.05 34.28
N THR B 117 -17.62 3.94 32.96
CA THR B 117 -17.37 5.15 32.17
C THR B 117 -18.62 5.67 31.43
N LEU B 118 -19.64 4.82 31.32
CA LEU B 118 -20.87 5.19 30.63
C LEU B 118 -21.58 6.44 31.19
N TYR B 119 -21.71 6.55 32.51
CA TYR B 119 -22.41 7.70 33.09
C TYR B 119 -21.54 8.77 33.74
N PHE B 120 -21.79 10.02 33.35
CA PHE B 120 -21.05 11.17 33.87
C PHE B 120 -21.88 11.95 34.89
N LYS B 121 -21.24 12.90 35.56
CA LYS B 121 -21.91 13.70 36.57
C LYS B 121 -23.08 14.51 36.03
N ASP B 122 -23.12 14.67 34.71
CA ASP B 122 -24.18 15.44 34.11
C ASP B 122 -24.88 14.69 32.99
N GLY B 123 -24.93 13.37 33.10
CA GLY B 123 -25.61 12.57 32.10
C GLY B 123 -24.74 11.55 31.38
N PRO B 124 -25.34 10.75 30.48
CA PRO B 124 -24.67 9.73 29.70
C PRO B 124 -23.76 10.32 28.61
N LEU B 125 -22.85 9.49 28.12
CA LEU B 125 -21.89 9.85 27.10
C LEU B 125 -22.49 10.48 25.84
N ASN B 126 -21.76 11.43 25.25
CA ASN B 126 -22.18 12.10 24.02
C ASN B 126 -21.43 11.45 22.87
N MSE B 127 -20.23 10.97 23.22
CA MSE B 127 -19.34 10.38 22.24
C MSE B 127 -18.72 9.05 22.67
O MSE B 127 -18.66 8.72 23.86
CB MSE B 127 -18.22 11.39 21.95
CG MSE B 127 -18.73 12.68 21.37
SE MSE B 127 -19.23 12.35 19.64
CE MSE B 127 -19.81 14.03 19.22
N ILE B 128 -18.29 8.29 21.67
CA ILE B 128 -17.63 7.02 21.90
C ILE B 128 -16.30 6.99 21.14
N LEU B 129 -15.20 6.85 21.86
CA LEU B 129 -13.90 6.74 21.23
C LEU B 129 -13.57 5.31 21.57
N ASP B 130 -13.68 4.43 20.57
CA ASP B 130 -13.48 3.00 20.77
C ASP B 130 -12.29 2.42 19.99
N ASP B 131 -11.78 1.30 20.50
CA ASP B 131 -10.66 0.57 19.87
C ASP B 131 -11.00 -0.91 20.00
N GLY B 132 -11.64 -1.47 18.98
CA GLY B 132 -12.00 -2.88 19.03
C GLY B 132 -13.50 -3.09 18.93
N GLY B 133 -14.26 -2.05 19.25
CA GLY B 133 -15.70 -2.13 19.16
C GLY B 133 -16.40 -2.62 20.42
N ASP B 134 -15.66 -2.93 21.48
CA ASP B 134 -16.30 -3.42 22.70
C ASP B 134 -17.27 -2.41 23.29
N LEU B 135 -16.85 -1.15 23.38
CA LEU B 135 -17.74 -0.14 23.95
C LEU B 135 -18.97 0.03 23.05
N THR B 136 -18.74 0.38 21.79
CA THR B 136 -19.84 0.57 20.85
C THR B 136 -20.72 -0.68 20.78
N ASN B 137 -20.12 -1.85 20.93
CA ASN B 137 -20.89 -3.08 20.87
C ASN B 137 -21.75 -3.22 22.14
N LEU B 138 -21.14 -2.95 23.30
CA LEU B 138 -21.85 -3.04 24.57
C LEU B 138 -23.08 -2.13 24.56
N ILE B 139 -22.91 -0.87 24.21
CA ILE B 139 -24.02 0.04 24.17
C ILE B 139 -25.13 -0.44 23.24
N HIS B 140 -24.81 -0.73 21.99
CA HIS B 140 -25.84 -1.21 21.06
C HIS B 140 -26.58 -2.45 21.57
N THR B 141 -25.89 -3.29 22.34
CA THR B 141 -26.54 -4.51 22.82
C THR B 141 -27.10 -4.47 24.26
N LYS B 142 -26.49 -3.70 25.14
CA LYS B 142 -26.98 -3.64 26.52
C LYS B 142 -27.49 -2.27 26.95
N TYR B 143 -27.23 -1.23 26.16
CA TYR B 143 -27.70 0.10 26.53
C TYR B 143 -28.31 0.84 25.34
N PRO B 144 -29.11 0.15 24.51
CA PRO B 144 -29.74 0.79 23.34
C PRO B 144 -30.44 2.10 23.68
N GLN B 145 -30.75 2.26 24.97
CA GLN B 145 -31.44 3.44 25.49
C GLN B 145 -30.57 4.70 25.50
N LEU B 146 -29.28 4.51 25.66
CA LEU B 146 -28.32 5.62 25.71
C LEU B 146 -27.96 6.03 24.30
N LEU B 147 -28.21 5.11 23.37
CA LEU B 147 -27.90 5.27 21.97
C LEU B 147 -28.36 6.61 21.40
N PRO B 148 -29.67 6.86 21.37
CA PRO B 148 -30.15 8.14 20.83
C PRO B 148 -29.59 9.35 21.58
N GLY B 149 -28.72 9.10 22.55
CA GLY B 149 -28.11 10.18 23.31
C GLY B 149 -26.68 10.43 22.84
N ILE B 150 -26.15 9.46 22.07
CA ILE B 150 -24.79 9.52 21.54
C ILE B 150 -24.71 10.17 20.15
N ARG B 151 -23.78 11.10 19.98
CA ARG B 151 -23.65 11.82 18.72
C ARG B 151 -22.75 11.19 17.68
N GLY B 152 -21.76 10.41 18.12
CA GLY B 152 -20.87 9.77 17.16
C GLY B 152 -19.89 8.75 17.72
N ILE B 153 -19.50 7.79 16.88
CA ILE B 153 -18.54 6.76 17.25
C ILE B 153 -17.25 7.01 16.47
N SER B 154 -16.12 6.75 17.11
CA SER B 154 -14.83 6.95 16.50
C SER B 154 -14.03 5.69 16.79
N GLU B 155 -13.88 4.82 15.79
CA GLU B 155 -13.18 3.53 15.94
C GLU B 155 -11.75 3.59 15.42
N GLU B 156 -10.84 2.90 16.11
CA GLU B 156 -9.44 2.96 15.70
C GLU B 156 -8.75 1.74 15.11
N THR B 157 -9.14 0.53 15.48
CA THR B 157 -8.44 -0.64 14.94
C THR B 157 -9.22 -1.40 13.89
N THR B 158 -8.51 -2.20 13.10
CA THR B 158 -9.12 -2.99 12.02
C THR B 158 -10.29 -3.89 12.44
N THR B 159 -10.14 -4.62 13.53
CA THR B 159 -11.22 -5.49 13.97
C THR B 159 -12.47 -4.72 14.37
N GLY B 160 -12.29 -3.55 14.96
CA GLY B 160 -13.42 -2.74 15.36
C GLY B 160 -14.17 -2.28 14.14
N VAL B 161 -13.43 -1.62 13.25
CA VAL B 161 -13.99 -1.11 12.01
C VAL B 161 -14.68 -2.21 11.20
N HIS B 162 -14.15 -3.42 11.27
CA HIS B 162 -14.74 -4.52 10.54
C HIS B 162 -16.18 -4.72 11.03
N ASN B 163 -16.38 -4.72 12.35
CA ASN B 163 -17.74 -4.89 12.88
C ASN B 163 -18.65 -3.70 12.56
N LEU B 164 -18.10 -2.49 12.53
CA LEU B 164 -18.90 -1.30 12.22
C LEU B 164 -19.56 -1.47 10.86
N TYR B 165 -18.79 -1.92 9.89
CA TYR B 165 -19.32 -2.16 8.54
C TYR B 165 -20.35 -3.29 8.58
N LYS B 166 -20.09 -4.30 9.39
CA LYS B 166 -21.01 -5.43 9.52
C LYS B 166 -22.33 -4.92 10.12
N MSE B 167 -22.24 -4.12 11.17
CA MSE B 167 -23.41 -3.57 11.83
C MSE B 167 -24.25 -2.70 10.89
O MSE B 167 -25.46 -2.91 10.76
CB MSE B 167 -23.01 -2.74 13.05
CG MSE B 167 -22.31 -3.55 14.15
SE MSE B 167 -22.00 -2.49 15.66
CE MSE B 167 -21.18 -3.81 16.65
N MSE B 168 -23.61 -1.73 10.25
CA MSE B 168 -24.33 -0.84 9.32
C MSE B 168 -24.99 -1.70 8.27
O MSE B 168 -26.15 -1.49 7.92
CB MSE B 168 -23.35 0.10 8.62
CG MSE B 168 -24.00 1.03 7.64
SE MSE B 168 -25.21 2.13 8.52
CE MSE B 168 -25.73 3.08 7.03
N ALA B 169 -24.25 -2.68 7.76
CA ALA B 169 -24.75 -3.57 6.74
C ALA B 169 -25.94 -4.37 7.21
N ASN B 170 -26.14 -4.45 8.52
CA ASN B 170 -27.28 -5.21 9.04
C ASN B 170 -28.24 -4.30 9.79
N GLY B 171 -28.34 -3.06 9.32
CA GLY B 171 -29.23 -2.08 9.92
C GLY B 171 -29.15 -1.98 11.43
N ILE B 172 -28.02 -2.37 12.01
CA ILE B 172 -27.86 -2.31 13.46
C ILE B 172 -27.10 -1.07 13.94
N LEU B 173 -26.23 -0.53 13.10
CA LEU B 173 -25.47 0.65 13.47
C LEU B 173 -26.47 1.80 13.63
N LYS B 174 -26.53 2.38 14.83
CA LYS B 174 -27.48 3.47 15.12
C LYS B 174 -26.89 4.86 15.35
N VAL B 175 -25.57 4.98 15.24
CA VAL B 175 -24.92 6.27 15.43
C VAL B 175 -23.80 6.47 14.41
N PRO B 176 -23.60 7.72 13.93
CA PRO B 176 -22.54 7.98 12.96
C PRO B 176 -21.18 7.63 13.52
N ALA B 177 -20.38 6.90 12.74
CA ALA B 177 -19.05 6.50 13.16
C ALA B 177 -18.01 6.82 12.09
N ILE B 178 -16.79 7.13 12.53
CA ILE B 178 -15.70 7.43 11.62
C ILE B 178 -14.65 6.33 11.69
N ASN B 179 -14.26 5.82 10.53
CA ASN B 179 -13.26 4.76 10.44
C ASN B 179 -11.85 5.33 10.48
N VAL B 180 -11.36 5.57 11.69
CA VAL B 180 -10.02 6.11 11.87
C VAL B 180 -8.93 5.15 11.43
N ASN B 181 -9.12 3.86 11.66
CA ASN B 181 -8.09 2.91 11.28
C ASN B 181 -7.67 2.99 9.81
N ASP B 182 -8.66 3.03 8.93
CA ASP B 182 -8.40 3.10 7.50
C ASP B 182 -8.08 4.48 6.97
N SER B 183 -7.71 5.36 7.90
CA SER B 183 -7.29 6.71 7.57
C SER B 183 -5.84 6.39 7.12
N VAL B 184 -5.41 6.84 5.95
CA VAL B 184 -4.06 6.51 5.48
C VAL B 184 -2.96 6.54 6.53
N THR B 185 -2.77 7.70 7.18
CA THR B 185 -1.74 7.89 8.20
C THR B 185 -1.92 7.06 9.45
N LYS B 186 -2.81 6.06 9.40
CA LYS B 186 -3.03 5.20 10.55
C LYS B 186 -2.72 3.77 10.15
N SER B 187 -3.54 3.20 9.28
CA SER B 187 -3.36 1.82 8.81
C SER B 187 -2.01 1.59 8.14
N LYS B 188 -1.56 2.57 7.38
CA LYS B 188 -0.29 2.45 6.68
C LYS B 188 0.93 2.90 7.48
N PHE B 189 0.75 3.15 8.77
CA PHE B 189 1.87 3.55 9.63
C PHE B 189 1.77 2.79 10.95
N ASP B 190 0.76 3.13 11.74
CA ASP B 190 0.51 2.47 13.03
C ASP B 190 0.55 0.95 12.87
N ASN B 191 -0.38 0.43 12.08
CA ASN B 191 -0.46 -1.01 11.88
C ASN B 191 0.84 -1.63 11.40
N LEU B 192 1.45 -1.03 10.39
CA LEU B 192 2.67 -1.53 9.79
C LEU B 192 3.92 -1.23 10.60
N TYR B 193 4.35 0.02 10.59
CA TYR B 193 5.54 0.46 11.32
C TYR B 193 5.44 0.16 12.81
N GLY B 194 4.28 0.45 13.41
CA GLY B 194 4.10 0.19 14.81
C GLY B 194 4.47 -1.24 15.18
N CYS B 195 3.82 -2.22 14.55
CA CYS B 195 4.10 -3.62 14.86
C CYS B 195 5.55 -3.97 14.58
N ARG B 196 6.07 -3.49 13.45
CA ARG B 196 7.44 -3.79 13.08
C ARG B 196 8.38 -3.58 14.28
N GLU B 197 8.04 -2.66 15.17
CA GLU B 197 8.87 -2.40 16.35
C GLU B 197 8.36 -2.98 17.68
N SER B 198 7.03 -3.05 17.85
CA SER B 198 6.46 -3.56 19.09
C SER B 198 6.36 -5.09 19.22
N LEU B 199 6.17 -5.80 18.11
CA LEU B 199 6.07 -7.26 18.19
C LEU B 199 7.31 -7.89 18.80
N ILE B 200 8.46 -7.58 18.23
CA ILE B 200 9.73 -8.14 18.73
C ILE B 200 9.88 -7.76 20.19
N ASP B 201 9.46 -6.53 20.51
CA ASP B 201 9.56 -6.00 21.86
C ASP B 201 8.88 -6.97 22.83
N GLY B 202 7.60 -7.23 22.55
CA GLY B 202 6.82 -8.13 23.39
C GLY B 202 7.46 -9.49 23.51
N ILE B 203 7.87 -10.06 22.40
CA ILE B 203 8.50 -11.37 22.44
C ILE B 203 9.75 -11.36 23.29
N LYS B 204 10.65 -10.41 23.02
CA LYS B 204 11.91 -10.28 23.76
C LYS B 204 11.71 -10.16 25.28
N ARG B 205 10.93 -9.16 25.69
CA ARG B 205 10.69 -8.95 27.12
C ARG B 205 10.11 -10.20 27.76
N ALA B 206 9.29 -10.92 27.00
CA ALA B 206 8.67 -12.12 27.53
C ALA B 206 9.55 -13.36 27.48
N THR B 207 10.43 -13.46 26.48
CA THR B 207 11.28 -14.65 26.34
C THR B 207 12.78 -14.47 26.15
N ASP B 208 13.19 -13.28 25.72
CA ASP B 208 14.61 -13.02 25.47
C ASP B 208 15.26 -14.01 24.51
N VAL B 209 14.44 -14.66 23.68
CA VAL B 209 14.95 -15.63 22.72
C VAL B 209 15.58 -14.93 21.53
N MSE B 210 16.56 -15.58 20.90
CA MSE B 210 17.18 -14.97 19.74
C MSE B 210 16.28 -15.21 18.53
O MSE B 210 15.77 -16.31 18.32
CB MSE B 210 18.55 -15.58 19.49
CG MSE B 210 19.34 -14.81 18.48
SE MSE B 210 21.06 -15.46 18.47
CE MSE B 210 21.73 -14.34 17.16
N ILE B 211 16.08 -14.16 17.74
CA ILE B 211 15.24 -14.26 16.57
C ILE B 211 16.04 -14.89 15.44
N ALA B 212 17.22 -14.34 15.19
CA ALA B 212 18.11 -14.83 14.13
C ALA B 212 18.27 -16.35 14.12
N GLY B 213 18.41 -16.90 12.93
CA GLY B 213 18.62 -18.34 12.81
C GLY B 213 17.41 -19.20 13.05
N LYS B 214 16.28 -18.59 13.39
CA LYS B 214 15.07 -19.38 13.62
C LYS B 214 14.04 -19.23 12.51
N VAL B 215 13.08 -20.13 12.51
CA VAL B 215 12.02 -20.11 11.52
C VAL B 215 10.80 -19.54 12.19
N ALA B 216 10.34 -18.39 11.72
CA ALA B 216 9.16 -17.78 12.31
C ALA B 216 8.00 -17.96 11.34
N VAL B 217 6.80 -18.21 11.86
CA VAL B 217 5.65 -18.35 11.02
C VAL B 217 4.70 -17.21 11.35
N VAL B 218 4.29 -16.48 10.32
CA VAL B 218 3.39 -15.35 10.50
C VAL B 218 2.11 -15.55 9.70
N ALA B 219 1.01 -15.77 10.40
CA ALA B 219 -0.29 -15.97 9.76
C ALA B 219 -0.89 -14.61 9.39
N GLY B 220 -1.06 -14.40 8.10
CA GLY B 220 -1.63 -13.15 7.63
C GLY B 220 -0.57 -12.21 7.13
N TYR B 221 -0.85 -11.52 6.03
CA TYR B 221 0.13 -10.59 5.50
C TYR B 221 -0.54 -9.25 5.19
N GLY B 222 -1.33 -8.77 6.16
CA GLY B 222 -1.99 -7.48 6.00
C GLY B 222 -1.03 -6.46 6.55
N ASP B 223 -1.49 -5.23 6.83
CA ASP B 223 -0.57 -4.21 7.36
C ASP B 223 0.21 -4.77 8.55
N VAL B 224 -0.48 -5.42 9.49
CA VAL B 224 0.16 -6.00 10.67
C VAL B 224 1.08 -7.18 10.32
N GLY B 225 0.66 -8.01 9.38
CA GLY B 225 1.48 -9.13 8.99
C GLY B 225 2.78 -8.59 8.41
N LYS B 226 2.65 -7.72 7.41
CA LYS B 226 3.80 -7.12 6.76
C LYS B 226 4.81 -6.56 7.77
N GLY B 227 4.32 -5.86 8.78
CA GLY B 227 5.23 -5.30 9.79
C GLY B 227 5.94 -6.37 10.58
N CYS B 228 5.19 -7.34 11.10
CA CYS B 228 5.77 -8.42 11.88
C CYS B 228 6.78 -9.22 11.09
N ALA B 229 6.40 -9.61 9.87
CA ALA B 229 7.29 -10.39 9.00
C ALA B 229 8.62 -9.67 8.79
N GLN B 230 8.55 -8.42 8.34
CA GLN B 230 9.74 -7.64 8.08
C GLN B 230 10.60 -7.52 9.34
N ALA B 231 9.95 -7.26 10.47
CA ALA B 231 10.65 -7.14 11.76
C ALA B 231 11.44 -8.40 12.08
N LEU B 232 10.79 -9.55 11.94
CA LEU B 232 11.45 -10.81 12.21
C LEU B 232 12.66 -11.07 11.31
N ARG B 233 12.50 -11.07 10.01
CA ARG B 233 13.69 -11.33 9.20
C ARG B 233 14.73 -10.23 9.41
N GLY B 234 14.28 -9.03 9.74
CA GLY B 234 15.23 -7.96 9.97
C GLY B 234 16.31 -8.44 10.91
N PHE B 235 15.93 -9.30 11.86
CA PHE B 235 16.86 -9.85 12.84
C PHE B 235 17.49 -11.19 12.46
N GLY B 236 17.16 -11.71 11.30
CA GLY B 236 17.78 -12.95 10.90
C GLY B 236 16.95 -14.21 11.01
N ALA B 237 15.63 -14.07 11.06
CA ALA B 237 14.78 -15.24 11.14
C ALA B 237 14.25 -15.54 9.73
N ARG B 238 13.98 -16.83 9.44
CA ARG B 238 13.44 -17.20 8.13
C ARG B 238 11.91 -17.22 8.27
N VAL B 239 11.30 -16.14 7.81
CA VAL B 239 9.87 -15.97 7.91
C VAL B 239 9.03 -16.72 6.91
N ILE B 240 8.14 -17.57 7.40
CA ILE B 240 7.20 -18.31 6.56
C ILE B 240 5.84 -17.67 6.80
N ILE B 241 5.09 -17.46 5.73
CA ILE B 241 3.79 -16.79 5.79
C ILE B 241 2.59 -17.57 5.28
N THR B 242 1.46 -17.37 5.96
CA THR B 242 0.21 -18.02 5.56
C THR B 242 -0.78 -16.91 5.20
N GLU B 243 -1.62 -17.18 4.20
CA GLU B 243 -2.60 -16.20 3.75
C GLU B 243 -3.76 -16.92 3.09
N ILE B 244 -4.89 -16.23 3.01
CA ILE B 244 -6.06 -16.80 2.38
C ILE B 244 -6.35 -15.94 1.14
N ASP B 245 -5.74 -14.76 1.10
CA ASP B 245 -5.92 -13.82 0.01
C ASP B 245 -4.79 -13.89 -1.01
N PRO B 246 -5.13 -14.14 -2.29
CA PRO B 246 -4.15 -14.26 -3.36
C PRO B 246 -3.19 -13.08 -3.44
N ILE B 247 -3.76 -11.88 -3.47
CA ILE B 247 -2.96 -10.67 -3.56
C ILE B 247 -1.93 -10.59 -2.41
N ASN B 248 -2.40 -10.55 -1.16
CA ASN B 248 -1.50 -10.51 -0.02
C ASN B 248 -0.46 -11.61 -0.14
N ALA B 249 -0.92 -12.79 -0.55
CA ALA B 249 -0.07 -13.97 -0.71
C ALA B 249 1.00 -13.69 -1.74
N LEU B 250 0.59 -13.19 -2.90
CA LEU B 250 1.52 -12.90 -3.98
C LEU B 250 2.54 -11.88 -3.51
N GLN B 251 2.09 -10.86 -2.80
CA GLN B 251 2.99 -9.85 -2.29
C GLN B 251 4.09 -10.51 -1.46
N ALA B 252 3.68 -11.32 -0.49
CA ALA B 252 4.67 -12.01 0.35
C ALA B 252 5.71 -12.66 -0.54
N ALA B 253 5.27 -13.58 -1.41
CA ALA B 253 6.21 -14.26 -2.29
C ALA B 253 7.12 -13.28 -3.05
N MSE B 254 6.56 -12.17 -3.52
CA MSE B 254 7.34 -11.17 -4.24
C MSE B 254 8.40 -10.54 -3.32
O MSE B 254 9.45 -10.07 -3.79
CB MSE B 254 6.44 -10.06 -4.79
CG MSE B 254 5.51 -10.43 -5.98
SE MSE B 254 6.46 -10.87 -7.54
CE MSE B 254 4.97 -11.15 -8.58
N GLU B 255 8.12 -10.51 -2.01
CA GLU B 255 9.06 -9.95 -1.05
C GLU B 255 10.06 -10.99 -0.57
N GLY B 256 9.97 -12.20 -1.10
CA GLY B 256 10.90 -13.24 -0.73
C GLY B 256 10.50 -14.23 0.36
N TYR B 257 9.29 -14.13 0.89
CA TYR B 257 8.87 -15.05 1.94
C TYR B 257 8.18 -16.25 1.35
N GLU B 258 8.45 -17.42 1.93
CA GLU B 258 7.80 -18.66 1.50
C GLU B 258 6.38 -18.61 2.04
N VAL B 259 5.39 -18.79 1.17
CA VAL B 259 3.99 -18.77 1.61
C VAL B 259 3.39 -20.18 1.59
N THR B 260 2.85 -20.62 2.73
CA THR B 260 2.23 -21.95 2.83
C THR B 260 1.03 -21.93 3.74
N THR B 261 0.62 -23.14 4.12
CA THR B 261 -0.50 -23.33 5.00
C THR B 261 0.02 -23.60 6.40
N MSE B 262 -0.76 -23.25 7.41
CA MSE B 262 -0.34 -23.48 8.79
C MSE B 262 -0.06 -24.96 9.02
O MSE B 262 0.86 -25.32 9.78
CB MSE B 262 -1.41 -23.00 9.77
CG MSE B 262 -1.03 -23.19 11.23
SE MSE B 262 0.51 -22.24 11.67
CE MSE B 262 0.58 -22.73 13.44
N ASP B 263 -0.83 -25.83 8.37
CA ASP B 263 -0.64 -27.27 8.55
C ASP B 263 0.80 -27.67 8.24
N GLU B 264 1.37 -27.03 7.23
CA GLU B 264 2.75 -27.29 6.83
C GLU B 264 3.73 -26.60 7.77
N ALA B 265 3.59 -25.28 7.86
CA ALA B 265 4.46 -24.46 8.69
C ALA B 265 4.46 -24.79 10.17
N CYS B 266 3.40 -25.40 10.67
CA CYS B 266 3.37 -25.72 12.09
C CYS B 266 4.48 -26.70 12.45
N GLN B 267 4.97 -27.43 11.45
CA GLN B 267 6.03 -28.41 11.67
C GLN B 267 7.43 -27.79 11.57
N GLU B 268 7.51 -26.51 11.24
CA GLU B 268 8.79 -25.84 11.06
C GLU B 268 9.07 -24.67 11.99
N GLY B 269 8.03 -23.91 12.29
CA GLY B 269 8.18 -22.74 13.12
C GLY B 269 8.74 -22.94 14.50
N ASN B 270 9.53 -21.95 14.92
CA ASN B 270 10.14 -21.90 16.24
C ASN B 270 9.41 -20.75 16.93
N ILE B 271 8.78 -19.91 16.10
CA ILE B 271 8.01 -18.79 16.61
C ILE B 271 6.77 -18.66 15.74
N PHE B 272 5.61 -18.43 16.36
CA PHE B 272 4.38 -18.27 15.60
C PHE B 272 3.69 -16.96 16.02
N VAL B 273 3.28 -16.19 15.02
CA VAL B 273 2.60 -14.91 15.25
C VAL B 273 1.36 -14.81 14.37
N THR B 274 0.19 -14.69 15.01
CA THR B 274 -1.04 -14.58 14.25
C THR B 274 -1.43 -13.11 14.11
N THR B 275 -1.54 -12.64 12.87
CA THR B 275 -1.91 -11.24 12.61
C THR B 275 -3.23 -11.26 11.86
N THR B 276 -3.80 -12.45 11.77
CA THR B 276 -5.09 -12.66 11.12
C THR B 276 -6.11 -11.90 11.95
N GLY B 277 -7.32 -11.83 11.46
CA GLY B 277 -8.34 -11.15 12.25
C GLY B 277 -9.39 -12.18 12.57
N CYS B 278 -9.10 -13.47 12.38
CA CYS B 278 -10.12 -14.47 12.65
C CYS B 278 -9.74 -15.70 13.47
N ILE B 279 -10.79 -16.44 13.81
CA ILE B 279 -10.75 -17.65 14.63
C ILE B 279 -10.14 -18.87 13.99
N ASP B 280 -9.62 -19.75 14.86
CA ASP B 280 -9.06 -21.02 14.44
C ASP B 280 -7.85 -20.95 13.53
N ILE B 281 -6.78 -20.32 13.98
CA ILE B 281 -5.58 -20.21 13.17
C ILE B 281 -4.57 -21.28 13.58
N ILE B 282 -4.37 -21.40 14.89
CA ILE B 282 -3.44 -22.39 15.43
C ILE B 282 -4.21 -23.32 16.38
N LEU B 283 -4.41 -24.56 15.96
CA LEU B 283 -5.17 -25.52 16.73
C LEU B 283 -4.32 -26.63 17.33
N GLY B 284 -5.01 -27.56 18.01
CA GLY B 284 -4.34 -28.69 18.62
C GLY B 284 -3.54 -29.43 17.57
N ARG B 285 -4.12 -29.61 16.39
CA ARG B 285 -3.43 -30.30 15.28
C ARG B 285 -2.04 -29.72 15.10
N HIS B 286 -2.00 -28.40 15.17
CA HIS B 286 -0.78 -27.64 15.01
C HIS B 286 0.13 -27.74 16.23
N PHE B 287 -0.40 -27.42 17.40
CA PHE B 287 0.39 -27.51 18.63
C PHE B 287 1.17 -28.81 18.73
N GLU B 288 0.50 -29.92 18.43
CA GLU B 288 1.11 -31.23 18.53
C GLU B 288 2.31 -31.50 17.63
N GLN B 289 2.40 -30.80 16.50
CA GLN B 289 3.54 -31.01 15.60
C GLN B 289 4.68 -30.01 15.74
N MSE B 290 4.44 -28.93 16.49
CA MSE B 290 5.47 -27.93 16.65
C MSE B 290 6.74 -28.48 17.27
O MSE B 290 6.74 -29.50 17.96
CB MSE B 290 4.94 -26.78 17.49
CG MSE B 290 3.74 -26.10 16.89
SE MSE B 290 3.23 -24.68 17.96
CE MSE B 290 1.80 -24.10 16.98
N LYS B 291 7.86 -27.79 17.01
CA LYS B 291 9.15 -28.21 17.54
C LYS B 291 9.23 -27.81 19.01
N ASP B 292 10.11 -28.45 19.77
CA ASP B 292 10.25 -28.16 21.20
C ASP B 292 10.40 -26.67 21.45
N ASP B 293 9.76 -26.19 22.51
CA ASP B 293 9.80 -24.78 22.89
C ASP B 293 9.41 -23.73 21.86
N ALA B 294 8.57 -24.10 20.90
CA ALA B 294 8.12 -23.17 19.89
C ALA B 294 7.40 -22.05 20.65
N ILE B 295 7.60 -20.81 20.25
CA ILE B 295 6.92 -19.70 20.93
C ILE B 295 5.71 -19.27 20.12
N VAL B 296 4.54 -19.36 20.75
CA VAL B 296 3.27 -19.01 20.12
C VAL B 296 2.70 -17.72 20.73
N CYS B 297 2.29 -16.78 19.88
CA CYS B 297 1.72 -15.55 20.37
C CYS B 297 0.80 -14.98 19.30
N ASN B 298 -0.05 -14.05 19.71
CA ASN B 298 -0.99 -13.43 18.81
C ASN B 298 -0.86 -11.92 18.93
N ILE B 299 -1.23 -11.19 17.87
CA ILE B 299 -1.16 -9.75 17.93
C ILE B 299 -2.43 -9.14 17.35
N GLY B 300 -3.40 -10.00 17.03
CA GLY B 300 -4.67 -9.54 16.52
C GLY B 300 -5.37 -8.91 17.71
N HIS B 301 -6.40 -8.08 17.48
CA HIS B 301 -7.08 -7.44 18.59
C HIS B 301 -7.68 -8.39 19.63
N PHE B 302 -8.53 -9.30 19.17
CA PHE B 302 -9.17 -10.26 20.08
C PHE B 302 -8.37 -11.53 20.18
N ASP B 303 -8.37 -12.14 21.36
CA ASP B 303 -7.64 -13.38 21.58
C ASP B 303 -8.50 -14.57 21.13
N VAL B 304 -8.61 -14.76 19.80
CA VAL B 304 -9.43 -15.84 19.29
C VAL B 304 -8.74 -16.64 18.19
N GLU B 305 -7.51 -16.27 17.86
CA GLU B 305 -6.79 -16.92 16.80
C GLU B 305 -6.00 -18.15 17.21
N ILE B 306 -5.65 -18.22 18.49
CA ILE B 306 -4.89 -19.35 19.04
C ILE B 306 -5.78 -20.10 20.01
N ASP B 307 -6.02 -21.39 19.77
CA ASP B 307 -6.87 -22.16 20.68
C ASP B 307 -6.17 -22.46 21.99
N VAL B 308 -6.01 -21.43 22.82
CA VAL B 308 -5.34 -21.56 24.12
C VAL B 308 -5.99 -22.66 24.95
N LYS B 309 -7.32 -22.66 25.02
CA LYS B 309 -8.02 -23.66 25.80
C LYS B 309 -7.56 -25.08 25.54
N TRP B 310 -7.23 -25.39 24.29
CA TRP B 310 -6.75 -26.74 23.96
C TRP B 310 -5.46 -27.03 24.73
N LEU B 311 -4.66 -26.00 24.98
CA LEU B 311 -3.42 -26.17 25.70
C LEU B 311 -3.72 -26.43 27.17
N ASN B 312 -4.59 -25.61 27.76
CA ASN B 312 -4.93 -25.83 29.15
C ASN B 312 -5.55 -27.22 29.30
N GLU B 313 -6.33 -27.63 28.31
CA GLU B 313 -7.01 -28.92 28.36
C GLU B 313 -6.26 -30.17 27.90
N ASN B 314 -5.06 -30.01 27.35
CA ASN B 314 -4.35 -31.20 26.87
C ASN B 314 -2.87 -31.24 27.26
N ALA B 315 -2.43 -30.25 28.02
CA ALA B 315 -1.05 -30.19 28.42
C ALA B 315 -0.80 -30.98 29.69
N VAL B 316 0.31 -31.70 29.71
CA VAL B 316 0.67 -32.49 30.87
C VAL B 316 1.15 -31.56 31.98
N GLU B 317 1.55 -30.35 31.60
CA GLU B 317 2.02 -29.36 32.57
C GLU B 317 1.76 -27.97 32.07
N LYS B 318 1.84 -27.03 32.99
CA LYS B 318 1.67 -25.62 32.68
C LYS B 318 2.48 -24.83 33.69
N VAL B 319 3.77 -24.72 33.46
CA VAL B 319 4.59 -23.96 34.39
C VAL B 319 4.56 -22.50 33.95
N ASN B 320 4.32 -21.61 34.91
CA ASN B 320 4.26 -20.20 34.62
C ASN B 320 5.59 -19.55 34.93
N ILE B 321 6.32 -19.18 33.88
CA ILE B 321 7.63 -18.57 34.00
C ILE B 321 7.63 -17.18 34.65
N LYS B 322 6.68 -16.34 34.25
CA LYS B 322 6.56 -14.98 34.75
C LYS B 322 5.20 -14.49 34.25
N PRO B 323 4.75 -13.31 34.72
CA PRO B 323 3.45 -12.79 34.28
C PRO B 323 3.35 -12.76 32.75
N GLN B 324 2.26 -13.30 32.23
CA GLN B 324 2.01 -13.38 30.79
C GLN B 324 2.93 -14.33 30.03
N VAL B 325 3.53 -15.28 30.72
CA VAL B 325 4.40 -16.25 30.05
C VAL B 325 4.22 -17.63 30.67
N ASP B 326 3.60 -18.55 29.94
CA ASP B 326 3.40 -19.91 30.46
C ASP B 326 4.04 -20.94 29.53
N ARG B 327 4.78 -21.87 30.11
CA ARG B 327 5.44 -22.90 29.32
C ARG B 327 4.76 -24.26 29.54
N TYR B 328 4.11 -24.76 28.49
CA TYR B 328 3.40 -26.02 28.54
C TYR B 328 4.27 -27.18 28.12
N ARG B 329 3.91 -28.38 28.56
CA ARG B 329 4.61 -29.60 28.20
C ARG B 329 3.51 -30.56 27.74
N LEU B 330 3.41 -30.75 26.44
CA LEU B 330 2.39 -31.63 25.88
C LEU B 330 2.68 -33.10 26.19
N LYS B 331 1.73 -33.96 25.82
CA LYS B 331 1.89 -35.38 26.07
C LYS B 331 3.08 -35.97 25.31
N ASN B 332 3.40 -35.41 24.15
CA ASN B 332 4.54 -35.91 23.38
C ASN B 332 5.87 -35.60 24.05
N GLY B 333 5.83 -34.84 25.15
CA GLY B 333 7.06 -34.51 25.84
C GLY B 333 7.63 -33.14 25.51
N ARG B 334 7.36 -32.65 24.30
CA ARG B 334 7.86 -31.34 23.91
C ARG B 334 7.13 -30.20 24.62
N ARG B 335 7.75 -29.03 24.67
CA ARG B 335 7.15 -27.89 25.33
C ARG B 335 6.71 -26.77 24.38
N ILE B 336 5.84 -25.89 24.89
CA ILE B 336 5.33 -24.78 24.12
C ILE B 336 5.19 -23.56 25.01
N ILE B 337 5.74 -22.44 24.55
CA ILE B 337 5.70 -21.22 25.30
C ILE B 337 4.61 -20.32 24.74
N LEU B 338 3.59 -20.06 25.55
CA LEU B 338 2.44 -19.23 25.15
C LEU B 338 2.54 -17.88 25.85
N LEU B 339 2.34 -16.81 25.09
CA LEU B 339 2.48 -15.45 25.64
C LEU B 339 1.16 -14.71 25.80
N ALA B 340 1.04 -13.97 26.90
CA ALA B 340 -0.15 -13.18 27.22
C ALA B 340 -1.48 -13.93 27.02
N GLU B 341 -1.41 -15.26 27.15
CA GLU B 341 -2.58 -16.11 27.00
C GLU B 341 -3.33 -15.90 25.69
N GLY B 342 -2.59 -15.62 24.62
CA GLY B 342 -3.21 -15.42 23.32
C GLY B 342 -3.62 -13.99 23.04
N ARG B 343 -3.51 -13.14 24.05
CA ARG B 343 -3.89 -11.74 23.89
C ARG B 343 -2.74 -10.93 23.28
N LEU B 344 -3.09 -9.99 22.40
CA LEU B 344 -2.10 -9.18 21.69
C LEU B 344 -0.84 -8.94 22.47
N VAL B 345 0.19 -9.66 22.05
CA VAL B 345 1.49 -9.65 22.69
C VAL B 345 2.25 -8.32 22.84
N ASN B 346 2.23 -7.47 21.82
CA ASN B 346 2.96 -6.20 21.92
C ASN B 346 2.55 -5.38 23.16
N LEU B 347 1.25 -5.32 23.43
CA LEU B 347 0.74 -4.58 24.58
C LEU B 347 0.79 -5.43 25.84
N GLY B 348 0.42 -6.70 25.69
CA GLY B 348 0.42 -7.59 26.84
C GLY B 348 1.78 -7.86 27.43
N CYS B 349 2.79 -8.06 26.57
CA CYS B 349 4.12 -8.35 27.05
C CYS B 349 5.13 -7.24 26.92
N ALA B 350 4.72 -6.08 26.40
CA ALA B 350 5.65 -4.98 26.28
C ALA B 350 4.95 -3.66 26.57
N MSE B 351 5.20 -2.64 25.76
CA MSE B 351 4.57 -1.35 25.97
C MSE B 351 3.76 -0.92 24.73
O MSE B 351 3.34 0.23 24.61
CB MSE B 351 5.63 -0.30 26.32
CG MSE B 351 6.44 -0.61 27.59
SE MSE B 351 5.36 -0.51 29.11
CE MSE B 351 6.67 -0.93 30.34
N GLY B 352 3.56 -1.87 23.82
CA GLY B 352 2.83 -1.58 22.61
C GLY B 352 3.68 -0.76 21.64
N HIS B 353 3.03 0.02 20.79
CA HIS B 353 3.73 0.85 19.81
C HIS B 353 4.44 2.02 20.42
N PRO B 354 5.52 2.48 19.75
CA PRO B 354 6.30 3.62 20.24
C PRO B 354 5.44 4.86 20.18
N SER B 355 5.78 5.81 21.03
CA SER B 355 5.07 7.08 21.14
C SER B 355 4.84 7.81 19.83
N PHE B 356 5.90 7.95 19.04
CA PHE B 356 5.81 8.68 17.78
C PHE B 356 4.71 8.23 16.83
N VAL B 357 4.77 6.98 16.39
CA VAL B 357 3.77 6.50 15.45
C VAL B 357 2.38 6.63 16.04
N MSE B 358 2.28 6.55 17.36
CA MSE B 358 0.96 6.64 17.92
C MSE B 358 0.36 8.04 17.82
O MSE B 358 -0.86 8.20 17.81
CB MSE B 358 0.95 6.13 19.35
CG MSE B 358 -0.28 5.31 19.47
SE MSE B 358 -0.03 3.71 18.56
CE MSE B 358 -1.74 3.18 18.86
N SER B 359 1.23 9.05 17.72
CA SER B 359 0.76 10.43 17.57
C SER B 359 -0.10 10.50 16.32
N ASN B 360 0.27 9.75 15.30
CA ASN B 360 -0.49 9.72 14.07
C ASN B 360 -1.87 9.18 14.37
N SER B 361 -1.94 7.93 14.80
CA SER B 361 -3.23 7.32 15.10
C SER B 361 -4.09 8.29 15.90
N PHE B 362 -3.61 8.66 17.09
CA PHE B 362 -4.39 9.57 17.92
C PHE B 362 -4.75 10.93 17.37
N THR B 363 -3.90 11.51 16.52
CA THR B 363 -4.25 12.81 15.94
C THR B 363 -5.52 12.63 15.10
N ASN B 364 -5.57 11.54 14.35
CA ASN B 364 -6.74 11.23 13.54
C ASN B 364 -7.94 11.07 14.49
N GLN B 365 -7.67 10.41 15.60
CA GLN B 365 -8.68 10.14 16.60
C GLN B 365 -9.28 11.45 17.13
N VAL B 366 -8.43 12.42 17.45
CA VAL B 366 -8.92 13.70 17.95
C VAL B 366 -9.72 14.42 16.88
N MSE B 367 -9.20 14.42 15.65
CA MSE B 367 -9.88 15.07 14.53
C MSE B 367 -11.26 14.46 14.35
O MSE B 367 -12.25 15.17 14.13
CB MSE B 367 -9.08 14.91 13.23
CG MSE B 367 -7.70 15.59 13.19
SE MSE B 367 -6.86 15.27 11.54
CE MSE B 367 -5.32 16.22 11.86
N ALA B 368 -11.33 13.13 14.44
CA ALA B 368 -12.59 12.42 14.29
C ALA B 368 -13.58 12.92 15.33
N GLN B 369 -13.17 12.92 16.59
CA GLN B 369 -14.02 13.41 17.66
C GLN B 369 -14.50 14.82 17.34
N ILE B 370 -13.59 15.72 16.96
CA ILE B 370 -14.00 17.10 16.65
C ILE B 370 -15.04 17.12 15.52
N GLU B 371 -14.82 16.29 14.49
CA GLU B 371 -15.76 16.21 13.37
C GLU B 371 -17.16 15.81 13.81
N LEU B 372 -17.29 14.62 14.41
CA LEU B 372 -18.59 14.16 14.85
C LEU B 372 -19.27 15.14 15.82
N TRP B 373 -18.52 15.70 16.75
CA TRP B 373 -19.10 16.60 17.74
C TRP B 373 -19.45 18.01 17.28
N THR B 374 -18.63 18.58 16.42
CA THR B 374 -18.86 19.94 15.94
C THR B 374 -19.65 20.02 14.64
N HIS B 375 -19.67 18.94 13.88
CA HIS B 375 -20.39 18.92 12.61
C HIS B 375 -21.22 17.65 12.48
N PRO B 376 -22.18 17.44 13.39
CA PRO B 376 -23.03 16.25 13.36
C PRO B 376 -23.76 16.09 12.02
N ASP B 377 -24.37 17.20 11.59
CA ASP B 377 -25.14 17.27 10.36
C ASP B 377 -24.33 16.89 9.12
N LYS B 378 -23.05 16.61 9.31
CA LYS B 378 -22.21 16.26 8.19
C LYS B 378 -21.94 14.75 8.15
N TYR B 379 -22.45 14.04 9.15
CA TYR B 379 -22.23 12.59 9.19
C TYR B 379 -23.50 11.80 9.50
N PRO B 380 -24.16 11.30 8.44
CA PRO B 380 -25.39 10.51 8.58
C PRO B 380 -25.02 9.22 9.30
N VAL B 381 -26.02 8.46 9.75
CA VAL B 381 -25.71 7.21 10.42
C VAL B 381 -24.97 6.38 9.39
N GLY B 382 -23.82 5.88 9.78
CA GLY B 382 -23.01 5.09 8.87
C GLY B 382 -21.55 5.31 9.23
N VAL B 383 -20.64 4.68 8.48
CA VAL B 383 -19.22 4.82 8.75
C VAL B 383 -18.51 5.58 7.65
N HIS B 384 -17.78 6.63 8.04
CA HIS B 384 -17.08 7.47 7.08
C HIS B 384 -15.56 7.54 7.32
N PHE B 385 -14.85 8.16 6.38
CA PHE B 385 -13.41 8.35 6.48
C PHE B 385 -13.16 9.83 6.66
N LEU B 386 -12.04 10.18 7.28
CA LEU B 386 -11.71 11.58 7.44
C LEU B 386 -11.40 12.04 6.02
N PRO B 387 -11.44 13.35 5.77
CA PRO B 387 -11.16 13.91 4.44
C PRO B 387 -9.67 13.72 4.12
N LYS B 388 -9.33 13.40 2.88
CA LYS B 388 -7.93 13.20 2.57
C LYS B 388 -7.08 14.40 2.96
N LYS B 389 -7.60 15.62 2.80
CA LYS B 389 -6.78 16.76 3.17
C LYS B 389 -6.43 16.78 4.65
N LEU B 390 -7.34 16.29 5.49
CA LEU B 390 -7.03 16.25 6.91
C LEU B 390 -6.01 15.14 7.14
N ASP B 391 -6.16 14.05 6.41
CA ASP B 391 -5.27 12.91 6.54
C ASP B 391 -3.84 13.35 6.21
N GLU B 392 -3.68 14.10 5.13
CA GLU B 392 -2.36 14.57 4.74
C GLU B 392 -1.82 15.45 5.86
N ALA B 393 -2.70 16.28 6.42
CA ALA B 393 -2.32 17.17 7.50
C ALA B 393 -1.65 16.36 8.62
N VAL B 394 -2.31 15.30 9.07
CA VAL B 394 -1.75 14.48 10.14
C VAL B 394 -0.30 14.20 9.85
N ALA B 395 -0.04 13.65 8.68
CA ALA B 395 1.33 13.31 8.28
C ALA B 395 2.22 14.53 8.26
N GLU B 396 1.73 15.64 7.70
CA GLU B 396 2.55 16.84 7.63
C GLU B 396 3.00 17.25 9.02
N ALA B 397 2.10 17.17 9.98
CA ALA B 397 2.39 17.53 11.36
C ALA B 397 3.60 16.83 12.00
N HIS B 398 4.00 15.67 11.47
CA HIS B 398 5.14 14.96 12.03
C HIS B 398 6.42 15.06 11.21
N LEU B 399 6.40 15.88 10.17
CA LEU B 399 7.58 16.04 9.35
C LEU B 399 8.65 16.86 10.04
N GLY B 400 8.25 17.97 10.68
CA GLY B 400 9.21 18.80 11.37
C GLY B 400 10.06 18.03 12.38
N LYS B 401 9.39 17.20 13.21
CA LYS B 401 10.09 16.39 14.21
C LYS B 401 11.16 15.48 13.61
N LEU B 402 10.94 15.01 12.38
CA LEU B 402 11.90 14.12 11.74
C LEU B 402 12.77 14.95 10.81
N ASN B 403 12.56 16.24 10.86
CA ASN B 403 13.32 17.18 10.08
C ASN B 403 13.28 16.91 8.58
N VAL B 404 12.11 16.52 8.10
CA VAL B 404 11.92 16.24 6.69
C VAL B 404 11.58 17.56 5.98
N LYS B 405 12.29 17.87 4.90
CA LYS B 405 12.01 19.08 4.15
C LYS B 405 11.15 18.71 2.94
N LEU B 406 9.88 19.08 3.00
CA LEU B 406 8.94 18.75 1.93
C LEU B 406 9.09 19.73 0.76
N THR B 407 8.80 19.25 -0.45
CA THR B 407 8.91 20.08 -1.64
C THR B 407 7.56 20.74 -1.93
N LYS B 408 7.59 22.03 -2.26
CA LYS B 408 6.34 22.74 -2.57
C LYS B 408 6.12 22.82 -4.07
N LEU B 409 5.09 22.12 -4.51
CA LEU B 409 4.73 22.05 -5.91
C LEU B 409 4.62 23.50 -6.44
N THR B 410 5.34 23.82 -7.52
CA THR B 410 5.28 25.18 -8.06
C THR B 410 3.95 25.42 -8.75
N GLU B 411 3.60 26.70 -8.93
CA GLU B 411 2.34 27.07 -9.57
C GLU B 411 2.24 26.37 -10.93
N LYS B 412 3.31 26.50 -11.70
CA LYS B 412 3.41 25.91 -13.03
C LYS B 412 3.16 24.40 -12.97
N GLN B 413 3.77 23.72 -11.99
CA GLN B 413 3.60 22.28 -11.82
C GLN B 413 2.23 21.87 -11.33
N ALA B 414 1.73 22.58 -10.31
CA ALA B 414 0.42 22.27 -9.76
C ALA B 414 -0.63 22.22 -10.86
N GLN B 415 -0.49 23.10 -11.85
CA GLN B 415 -1.45 23.13 -12.94
C GLN B 415 -1.28 21.94 -13.85
N TYR B 416 -0.03 21.67 -14.22
CA TYR B 416 0.25 20.52 -15.07
C TYR B 416 -0.40 19.29 -14.45
N LEU B 417 -0.15 19.09 -13.16
CA LEU B 417 -0.69 17.96 -12.43
C LEU B 417 -2.19 18.10 -12.16
N GLY B 418 -2.70 19.31 -12.31
CA GLY B 418 -4.12 19.56 -12.08
C GLY B 418 -4.54 19.36 -10.64
N MSE B 419 -3.79 19.96 -9.72
CA MSE B 419 -4.09 19.83 -8.29
C MSE B 419 -3.60 21.06 -7.53
O MSE B 419 -2.67 21.74 -7.95
CB MSE B 419 -3.44 18.57 -7.71
CG MSE B 419 -1.92 18.51 -7.92
SE MSE B 419 -1.19 16.95 -7.18
CE MSE B 419 0.55 17.23 -7.62
N SER B 420 -4.23 21.34 -6.39
CA SER B 420 -3.80 22.47 -5.57
C SER B 420 -2.43 22.20 -4.96
N CYS B 421 -1.54 23.19 -5.02
CA CYS B 421 -0.22 23.02 -4.44
C CYS B 421 -0.36 22.83 -2.94
N ASP B 422 -1.62 22.87 -2.46
CA ASP B 422 -1.96 22.70 -1.05
C ASP B 422 -2.95 21.56 -0.86
N GLY B 423 -4.08 21.67 -1.55
CA GLY B 423 -5.15 20.68 -1.47
C GLY B 423 -4.68 19.27 -1.71
N PRO B 424 -5.60 18.30 -1.69
CA PRO B 424 -5.37 16.87 -1.89
C PRO B 424 -4.36 16.59 -2.98
N PHE B 425 -3.41 15.71 -2.69
CA PHE B 425 -2.38 15.37 -3.67
C PHE B 425 -2.63 14.07 -4.40
N LYS B 426 -3.68 13.36 -4.03
CA LYS B 426 -3.98 12.10 -4.69
C LYS B 426 -5.44 11.70 -4.68
N PRO B 427 -5.84 10.83 -5.63
CA PRO B 427 -7.20 10.30 -5.79
C PRO B 427 -7.67 9.51 -4.58
N ASP B 428 -8.97 9.50 -4.33
CA ASP B 428 -9.47 8.76 -3.17
C ASP B 428 -9.02 7.31 -3.20
N HIS B 429 -8.83 6.73 -4.39
CA HIS B 429 -8.43 5.34 -4.48
C HIS B 429 -6.94 5.10 -4.36
N TYR B 430 -6.15 6.17 -4.26
CA TYR B 430 -4.71 5.97 -4.14
C TYR B 430 -4.43 5.05 -2.99
N ARG B 431 -3.54 4.09 -3.17
CA ARG B 431 -3.24 3.13 -2.11
C ARG B 431 -1.92 3.31 -1.37
N TYR B 432 -1.19 4.38 -1.69
CA TYR B 432 0.10 4.66 -1.04
C TYR B 432 0.97 3.41 -0.90
PA NAD C . 2.69 8.26 -7.95
O1A NAD C . 3.21 7.09 -7.20
O2A NAD C . 1.27 8.56 -8.44
O5B NAD C . 3.85 8.98 -8.77
C5B NAD C . 4.63 10.23 -8.41
C4B NAD C . 4.90 10.46 -7.00
O4B NAD C . 5.82 11.61 -6.96
C3B NAD C . 3.71 10.89 -6.08
O3B NAD C . 3.79 10.08 -4.85
C2B NAD C . 3.84 12.37 -5.80
O2B NAD C . 3.44 12.83 -4.57
C1B NAD C . 5.33 12.60 -6.16
N9A NAD C . 5.55 13.83 -6.90
C8A NAD C . 4.78 14.49 -7.83
N7A NAD C . 5.30 15.61 -8.31
C5A NAD C . 6.51 15.75 -7.68
C6A NAD C . 7.60 16.83 -7.81
N6A NAD C . 7.54 17.88 -8.58
N1A NAD C . 8.71 16.59 -6.97
C2A NAD C . 8.87 15.55 -6.14
N3A NAD C . 7.87 14.53 -6.01
C4A NAD C . 6.69 14.67 -6.81
O3 NAD C . 2.69 7.30 -9.26
PN NAD C . 3.45 5.91 -9.85
O1N NAD C . 4.44 5.36 -9.01
O2N NAD C . 3.21 5.67 -11.30
O5D NAD C . 4.67 6.78 -10.49
C5D NAD C . 4.55 7.90 -11.44
C4D NAD C . 5.11 7.77 -12.82
O4D NAD C . 5.75 6.42 -13.12
C3D NAD C . 4.15 7.93 -14.08
O3D NAD C . 4.88 8.68 -14.96
C2D NAD C . 3.88 6.50 -14.56
O2D NAD C . 3.40 6.46 -15.86
C1D NAD C . 5.26 5.95 -14.37
N1N NAD C . 5.44 4.44 -14.45
C2N NAD C . 6.58 3.91 -15.14
C3N NAD C . 6.65 2.54 -15.15
C7N NAD C . 7.97 2.04 -15.94
O7N NAD C . 8.15 0.81 -16.03
N7N NAD C . 8.83 3.01 -16.47
C4N NAD C . 5.78 1.64 -14.44
C5N NAD C . 4.59 2.30 -13.89
C6N NAD C . 4.45 3.70 -13.84
C5' ADC D . 5.75 0.83 -18.89
C4' ADC D . 4.90 1.63 -18.18
C3' ADC D . 3.91 0.82 -17.45
O3' ADC D . 3.10 1.21 -16.63
C2' ADC D . 4.51 -0.57 -17.43
O2' ADC D . 3.43 -1.50 -17.44
C1' ADC D . 5.41 -0.64 -18.72
N9 ADC D . 6.40 -1.68 -19.00
C8 ADC D . 7.53 -1.99 -18.29
N7 ADC D . 8.17 -3.01 -18.78
C5 ADC D . 7.45 -3.44 -19.88
C6 ADC D . 7.61 -4.49 -20.82
N6 ADC D . 8.66 -5.37 -20.77
N1 ADC D . 6.66 -4.59 -21.80
C2 ADC D . 5.63 -3.72 -21.85
N3 ADC D . 5.36 -2.69 -21.02
C4 ADC D . 6.32 -2.58 -20.03
PA NAD E . -5.69 -7.33 7.35
O1A NAD E . -4.37 -6.72 7.01
O2A NAD E . -7.11 -6.75 7.21
O5B NAD E . -5.54 -8.43 8.47
C5B NAD E . -5.50 -9.91 8.29
C4B NAD E . -4.88 -10.41 7.08
O4B NAD E . -4.81 -11.87 7.24
C3B NAD E . -5.62 -10.22 5.71
O3B NAD E . -4.64 -9.71 4.73
C2B NAD E . -6.22 -11.54 5.30
O2B NAD E . -6.25 -11.84 3.96
C1B NAD E . -5.40 -12.51 6.20
N9A NAD E . -6.18 -13.56 6.79
C8A NAD E . -7.48 -13.57 7.24
N7A NAD E . -7.90 -14.71 7.73
C5A NAD E . -6.82 -15.57 7.63
C6A NAD E . -6.64 -17.05 8.02
N6A NAD E . -7.56 -17.81 8.57
N1A NAD E . -5.35 -17.56 7.73
C2A NAD E . -4.34 -16.88 7.18
N3A NAD E . -4.48 -15.51 6.80
C4A NAD E . -5.75 -14.88 7.05
O3 NAD E . -5.69 -6.33 8.66
PN NAD E . -4.62 -5.48 9.66
O1N NAD E . -3.23 -5.63 9.35
O2N NAD E . -5.23 -4.98 10.93
O5D NAD E . -4.42 -6.82 10.61
C5D NAD E . -5.48 -7.56 11.29
C4D NAD E . -5.56 -7.59 12.81
O4D NAD E . -4.46 -6.79 13.51
C3D NAD E . -6.85 -7.03 13.55
O3D NAD E . -7.07 -7.94 14.53
C2D NAD E . -6.45 -5.64 14.08
O2D NAD E . -7.29 -5.20 15.08
C1D NAD E . -5.06 -6.00 14.52
N1N NAD E . -4.14 -4.84 14.85
C2N NAD E . -3.28 -4.94 15.98
C3N NAD E . -2.49 -3.83 16.18
C7N NAD E . -1.55 -4.04 17.49
O7N NAD E . -0.79 -3.10 17.81
N7N NAD E . -1.68 -5.26 18.19
C4N NAD E . -2.36 -2.71 15.30
C5N NAD E . -3.38 -2.65 14.26
C6N NAD E . -4.23 -3.74 13.99
C5' ADC F . -3.70 -1.47 19.41
C4' ADC F . -4.42 -1.79 18.29
C3' ADC F . -4.44 -0.67 17.35
O3' ADC F . -4.99 -0.60 16.28
C2' ADC F . -3.39 0.31 17.83
O2' ADC F . -3.95 1.60 17.71
C1' ADC F . -3.14 -0.06 19.35
N9 ADC F . -1.91 0.28 20.07
C8 ADC F . -0.65 -0.23 19.88
N7 ADC F . 0.24 0.29 20.66
C5 ADC F . -0.41 1.23 21.44
C6 ADC F . -0.01 2.11 22.48
N6 ADC F . 1.28 2.20 22.90
N1 ADC F . -0.98 2.91 23.02
C2 ADC F . -2.25 2.82 22.60
N3 ADC F . -2.77 2.02 21.64
C4 ADC F . -1.80 1.22 21.07
#